data_1GPO
#
_entry.id   1GPO
#
_cell.length_a   96.470
_cell.length_b   103.510
_cell.length_c   113.600
_cell.angle_alpha   90.00
_cell.angle_beta   90.00
_cell.angle_gamma   90.00
#
_symmetry.space_group_name_H-M   'P 21 21 21'
#
loop_
_entity.id
_entity.type
_entity.pdbx_description
1 polymer 'ANTIBODY M41'
2 polymer 'ANTIBODY M41'
3 non-polymer 'SULFATE ION'
4 water water
#
loop_
_entity_poly.entity_id
_entity_poly.type
_entity_poly.pdbx_seq_one_letter_code
_entity_poly.pdbx_strand_id
1 'polypeptide(L)'
;DIELTQSPATLSVTPGNSVSISCRASQSLVNEDGNTYLFWYQQKSHESPRLLIKYASQSISGIPSRFSGSGSGTDFTLSI
NSVETEDLAVYFCQQITDWPFTFGGGTKLEIKRADAAPTVSIFPPSSEQLTSGGASVVCFLNNFYPKDINVKWKIDGSER
QNGVLNSWTDQDSKDSTYSMSSTLTLTKDEYERHNSYTCEATHKTSTSPIVKSFNRNEC
;
L,M
2 'polypeptide(L)'
;EVKLQESGPSLVKPSQTLSLTCSVTGDSITSDFWSWIRQFPGNRLEYMGFVQYSGETAYNPSLKSRISITRDTSKNQYYL
DLNSVTTEDTAVYYCANWHGDYWGQGTTVTVSSAKTTPPSVYPLAPGSAAQTNSMVTLGCLVKGYFPEPVTVTWNSGSLS
SGVHTFPAVLQSDLYTLSSSVTVPSSTWPSETVTCNVAHPASSTKVDKKIVPRDCHHHHHH
;
H,I
#
loop_
_chem_comp.id
_chem_comp.type
_chem_comp.name
_chem_comp.formula
SO4 non-polymer 'SULFATE ION' 'O4 S -2'
#
# COMPACT_ATOMS: atom_id res chain seq x y z
N ASP A 1 4.26 22.01 -0.98
CA ASP A 1 4.33 21.33 0.34
C ASP A 1 4.35 19.84 0.01
N ILE A 2 4.77 19.00 0.94
CA ILE A 2 4.78 17.57 0.69
C ILE A 2 3.41 17.00 1.06
N GLU A 3 2.82 16.29 0.11
CA GLU A 3 1.51 15.70 0.30
C GLU A 3 1.58 14.23 0.63
N LEU A 4 0.83 13.84 1.65
CA LEU A 4 0.77 12.47 2.11
C LEU A 4 -0.60 11.82 1.75
N THR A 5 -0.57 10.71 1.01
CA THR A 5 -1.78 10.01 0.63
C THR A 5 -1.80 8.62 1.29
N GLN A 6 -2.79 8.38 2.14
CA GLN A 6 -2.93 7.10 2.85
C GLN A 6 -3.84 6.13 2.10
N SER A 7 -3.56 4.84 2.25
CA SER A 7 -4.35 3.79 1.59
C SER A 7 -4.39 2.57 2.48
N PRO A 8 -5.59 1.96 2.66
CA PRO A 8 -6.86 2.39 2.09
C PRO A 8 -7.50 3.42 3.03
N ALA A 9 -8.65 3.95 2.62
CA ALA A 9 -9.38 4.90 3.46
C ALA A 9 -9.97 4.21 4.71
N THR A 10 -10.49 2.98 4.56
CA THR A 10 -11.05 2.23 5.69
C THR A 10 -10.76 0.74 5.48
N LEU A 11 -10.67 -0.02 6.57
CA LEU A 11 -10.44 -1.46 6.52
C LEU A 11 -10.99 -2.12 7.77
N SER A 12 -11.30 -3.41 7.71
CA SER A 12 -11.86 -4.19 8.84
C SER A 12 -10.98 -5.36 9.19
N VAL A 13 -11.10 -5.85 10.41
CA VAL A 13 -10.30 -6.99 10.83
C VAL A 13 -10.89 -7.74 12.01
N THR A 14 -10.51 -9.00 12.14
CA THR A 14 -10.92 -9.89 13.21
C THR A 14 -9.82 -9.90 14.25
N PRO A 15 -10.18 -9.77 15.53
CA PRO A 15 -9.11 -9.79 16.54
C PRO A 15 -8.19 -11.00 16.32
N GLY A 16 -6.90 -10.81 16.53
CA GLY A 16 -5.94 -11.89 16.34
C GLY A 16 -5.27 -11.80 14.99
N ASN A 17 -5.92 -11.19 14.01
CA ASN A 17 -5.35 -11.04 12.68
C ASN A 17 -4.52 -9.77 12.64
N SER A 18 -3.78 -9.60 11.55
CA SER A 18 -2.94 -8.44 11.36
C SER A 18 -3.58 -7.53 10.33
N VAL A 19 -3.12 -6.31 10.25
CA VAL A 19 -3.66 -5.32 9.31
C VAL A 19 -2.47 -4.49 8.75
N SER A 20 -2.64 -3.82 7.61
CA SER A 20 -1.57 -3.02 7.00
C SER A 20 -2.05 -1.69 6.40
N ILE A 21 -1.48 -0.59 6.90
CA ILE A 21 -1.85 0.77 6.46
C ILE A 21 -0.68 1.47 5.73
N SER A 22 -0.94 2.05 4.57
CA SER A 22 0.13 2.67 3.83
C SER A 22 0.09 4.19 3.77
N CYS A 23 1.27 4.76 3.61
CA CYS A 23 1.45 6.22 3.50
C CYS A 23 2.39 6.55 2.32
N ARG A 24 1.87 7.26 1.32
CA ARG A 24 2.71 7.63 0.17
C ARG A 24 2.97 9.13 0.23
N ALA A 25 4.24 9.53 0.13
CA ALA A 25 4.68 10.94 0.18
C ALA A 25 4.98 11.39 -1.23
N SER A 26 4.71 12.66 -1.51
CA SER A 26 4.96 13.19 -2.84
C SER A 26 6.45 13.34 -3.18
N GLN A 27 7.32 13.30 -2.19
CA GLN A 27 8.75 13.39 -2.46
C GLN A 27 9.41 12.73 -1.29
N SER A 28 10.67 12.31 -1.45
CA SER A 28 11.41 11.62 -0.39
C SER A 28 11.35 12.35 0.94
N LEU A 29 11.25 11.60 2.03
CA LEU A 29 11.19 12.19 3.35
C LEU A 29 12.51 12.07 4.09
N VAL A 30 13.58 11.75 3.36
CA VAL A 30 14.92 11.63 3.94
C VAL A 30 15.51 13.04 3.96
N ASN A 31 15.83 13.52 5.16
CA ASN A 31 16.39 14.84 5.40
C ASN A 31 17.86 14.88 4.96
N GLU A 32 18.34 16.06 4.60
CA GLU A 32 19.73 16.28 4.16
C GLU A 32 20.75 15.57 5.06
N ASP A 33 20.40 15.44 6.34
CA ASP A 33 21.28 14.80 7.31
C ASP A 33 20.98 13.30 7.44
N GLY A 34 20.38 12.75 6.39
CA GLY A 34 20.05 11.34 6.34
C GLY A 34 19.11 10.76 7.37
N ASN A 35 18.18 11.58 7.88
CA ASN A 35 17.22 11.10 8.88
C ASN A 35 15.86 11.21 8.20
N THR A 36 14.98 10.24 8.44
CA THR A 36 13.65 10.19 7.84
C THR A 36 12.59 10.54 8.89
N TYR A 37 11.89 11.65 8.68
CA TYR A 37 10.90 12.11 9.65
C TYR A 37 9.45 11.70 9.37
N LEU A 38 9.17 10.41 9.53
CA LEU A 38 7.84 9.86 9.31
C LEU A 38 7.29 9.38 10.66
N PHE A 39 6.21 10.01 11.10
CA PHE A 39 5.61 9.67 12.36
C PHE A 39 4.25 9.02 12.11
N TRP A 40 3.84 8.14 13.02
CA TRP A 40 2.54 7.45 12.94
C TRP A 40 1.74 7.70 14.22
N TYR A 41 0.46 8.07 14.07
CA TYR A 41 -0.43 8.35 15.20
C TYR A 41 -1.68 7.45 15.21
N GLN A 42 -2.28 7.29 16.41
CA GLN A 42 -3.53 6.55 16.67
C GLN A 42 -4.51 7.52 17.34
N GLN A 43 -5.67 7.71 16.76
CA GLN A 43 -6.64 8.60 17.36
C GLN A 43 -7.99 7.91 17.60
N LYS A 44 -8.33 7.71 18.86
CA LYS A 44 -9.61 7.11 19.26
C LYS A 44 -10.73 8.17 19.36
N SER A 45 -11.98 7.73 19.24
CA SER A 45 -13.10 8.66 19.34
C SER A 45 -12.96 9.49 20.61
N HIS A 46 -13.18 10.80 20.49
CA HIS A 46 -13.13 11.72 21.62
C HIS A 46 -11.77 11.90 22.27
N GLU A 47 -10.71 11.73 21.48
CA GLU A 47 -9.37 11.91 21.99
C GLU A 47 -8.48 12.64 20.97
N SER A 48 -7.35 13.14 21.46
CA SER A 48 -6.36 13.82 20.61
C SER A 48 -5.51 12.69 20.04
N PRO A 49 -4.80 12.93 18.91
CA PRO A 49 -3.98 11.83 18.38
C PRO A 49 -2.95 11.39 19.43
N ARG A 50 -2.46 10.16 19.28
CA ARG A 50 -1.47 9.62 20.20
C ARG A 50 -0.34 9.07 19.35
N LEU A 51 0.87 9.59 19.57
CA LEU A 51 2.04 9.15 18.80
C LEU A 51 2.40 7.68 19.09
N LEU A 52 2.68 6.90 18.03
CA LEU A 52 3.03 5.48 18.19
C LEU A 52 4.45 5.19 17.74
N ILE A 53 4.80 5.70 16.57
CA ILE A 53 6.10 5.44 15.97
C ILE A 53 6.76 6.74 15.55
N LYS A 54 8.07 6.85 15.77
CA LYS A 54 8.80 8.02 15.34
C LYS A 54 9.91 7.59 14.41
N TYR A 55 10.27 8.46 13.47
CA TYR A 55 11.37 8.20 12.54
C TYR A 55 11.16 6.89 11.78
N ALA A 56 9.95 6.71 11.26
CA ALA A 56 9.53 5.55 10.46
C ALA A 56 9.40 4.17 11.12
N SER A 57 10.28 3.85 12.06
CA SER A 57 10.20 2.54 12.69
C SER A 57 10.66 2.51 14.14
N GLN A 58 11.13 3.64 14.65
CA GLN A 58 11.57 3.66 16.02
C GLN A 58 10.37 3.68 16.98
N SER A 59 10.30 2.65 17.80
CA SER A 59 9.21 2.50 18.76
C SER A 59 9.27 3.40 20.00
N ILE A 60 8.13 3.95 20.36
CA ILE A 60 8.03 4.80 21.53
C ILE A 60 7.90 3.85 22.72
N SER A 61 8.24 4.33 23.91
CA SER A 61 8.14 3.51 25.11
C SER A 61 6.71 3.56 25.66
N GLY A 62 6.13 2.38 25.88
CA GLY A 62 4.76 2.28 26.36
C GLY A 62 3.78 1.80 25.30
N ILE A 63 4.21 1.74 24.04
CA ILE A 63 3.34 1.26 22.97
C ILE A 63 3.60 -0.24 22.86
N PRO A 64 2.54 -1.04 22.71
CA PRO A 64 2.66 -2.50 22.58
C PRO A 64 3.55 -2.90 21.42
N SER A 65 4.18 -4.07 21.54
CA SER A 65 5.06 -4.63 20.51
C SER A 65 4.28 -4.94 19.22
N ARG A 66 2.96 -4.96 19.38
CA ARG A 66 1.98 -5.20 18.34
C ARG A 66 2.21 -4.29 17.12
N PHE A 67 2.53 -3.02 17.43
CA PHE A 67 2.75 -1.99 16.42
C PHE A 67 4.17 -1.91 15.88
N SER A 68 4.30 -1.89 14.55
CA SER A 68 5.61 -1.78 13.90
C SER A 68 5.56 -0.92 12.63
N GLY A 69 6.63 -0.17 12.39
CA GLY A 69 6.69 0.66 11.21
C GLY A 69 7.82 0.21 10.29
N SER A 70 7.59 0.28 9.00
CA SER A 70 8.61 -0.09 8.02
C SER A 70 8.41 0.83 6.80
N GLY A 71 9.36 0.79 5.86
CA GLY A 71 9.25 1.65 4.69
C GLY A 71 10.41 2.62 4.60
N SER A 72 10.46 3.39 3.52
CA SER A 72 11.52 4.36 3.31
C SER A 72 11.23 5.24 2.09
N GLY A 73 11.92 6.36 1.98
CA GLY A 73 11.74 7.24 0.84
C GLY A 73 10.36 7.86 0.79
N THR A 74 9.50 7.34 -0.09
CA THR A 74 8.12 7.82 -0.21
C THR A 74 7.06 6.76 0.14
N ASP A 75 7.46 5.57 0.56
CA ASP A 75 6.48 4.51 0.83
C ASP A 75 6.57 3.85 2.21
N PHE A 76 5.57 4.13 3.03
CA PHE A 76 5.54 3.66 4.41
C PHE A 76 4.33 2.82 4.83
N THR A 77 4.58 1.93 5.78
CA THR A 77 3.58 1.01 6.29
C THR A 77 3.52 0.88 7.81
N LEU A 78 2.30 0.96 8.36
CA LEU A 78 2.06 0.75 9.77
C LEU A 78 1.39 -0.62 9.83
N SER A 79 1.98 -1.54 10.57
CA SER A 79 1.42 -2.87 10.71
C SER A 79 1.09 -3.19 12.17
N ILE A 80 -0.06 -3.82 12.41
CA ILE A 80 -0.45 -4.22 13.77
C ILE A 80 -0.49 -5.73 13.63
N ASN A 81 0.40 -6.46 14.28
CA ASN A 81 0.46 -7.91 14.07
C ASN A 81 -0.50 -8.91 14.71
N SER A 82 -1.37 -8.44 15.60
CA SER A 82 -2.33 -9.31 16.26
C SER A 82 -3.30 -8.36 16.91
N VAL A 83 -4.26 -7.89 16.13
CA VAL A 83 -5.22 -6.90 16.59
C VAL A 83 -6.05 -7.27 17.82
N GLU A 84 -6.16 -6.29 18.72
CA GLU A 84 -6.95 -6.38 19.94
C GLU A 84 -8.09 -5.43 19.72
N THR A 85 -9.22 -5.69 20.34
CA THR A 85 -10.43 -4.85 20.21
C THR A 85 -10.19 -3.36 20.56
N GLU A 86 -9.24 -3.11 21.44
CA GLU A 86 -8.91 -1.75 21.85
C GLU A 86 -8.33 -0.94 20.68
N ASP A 87 -7.73 -1.63 19.72
CA ASP A 87 -7.10 -1.01 18.58
C ASP A 87 -8.00 -0.29 17.58
N LEU A 88 -9.30 -0.24 17.81
CA LEU A 88 -10.09 0.47 16.82
C LEU A 88 -9.96 1.98 17.00
N ALA A 89 -9.64 2.65 15.90
CA ALA A 89 -9.42 4.09 15.89
C ALA A 89 -9.08 4.52 14.45
N VAL A 90 -8.74 5.80 14.29
CA VAL A 90 -8.29 6.32 12.99
C VAL A 90 -6.77 6.47 13.14
N TYR A 91 -6.02 6.09 12.10
CA TYR A 91 -4.56 6.14 12.12
C TYR A 91 -4.04 7.13 11.07
N PHE A 92 -3.10 8.00 11.47
CA PHE A 92 -2.55 9.02 10.55
C PHE A 92 -1.05 8.92 10.47
N CYS A 93 -0.51 9.32 9.32
CA CYS A 93 0.95 9.40 9.14
C CYS A 93 1.27 10.92 9.08
N GLN A 94 2.48 11.30 9.48
CA GLN A 94 2.88 12.71 9.42
C GLN A 94 4.35 12.84 9.12
N GLN A 95 4.70 13.84 8.31
CA GLN A 95 6.11 14.10 7.99
C GLN A 95 6.52 15.47 8.56
N ILE A 96 7.68 15.51 9.19
CA ILE A 96 8.16 16.77 9.73
C ILE A 96 9.55 17.08 9.15
N THR A 97 9.80 16.57 7.94
CA THR A 97 11.05 16.76 7.22
C THR A 97 11.10 18.13 6.52
N ASP A 98 9.96 18.53 5.97
CA ASP A 98 9.84 19.76 5.19
C ASP A 98 8.79 20.64 5.81
N TRP A 99 8.97 21.96 5.66
CA TRP A 99 8.04 22.93 6.20
C TRP A 99 7.07 23.37 5.10
N PRO A 100 5.75 23.39 5.39
CA PRO A 100 5.12 23.04 6.67
C PRO A 100 4.97 21.55 6.89
N PHE A 101 5.00 21.14 8.17
CA PHE A 101 4.79 19.74 8.55
C PHE A 101 3.39 19.35 8.06
N THR A 102 3.28 18.17 7.44
CA THR A 102 1.98 17.70 6.92
C THR A 102 1.52 16.30 7.39
N PHE A 103 0.20 16.13 7.39
CA PHE A 103 -0.47 14.91 7.82
C PHE A 103 -1.16 14.20 6.64
N GLY A 104 -1.30 12.88 6.75
CA GLY A 104 -2.06 12.14 5.75
C GLY A 104 -3.51 12.27 6.17
N GLY A 105 -4.46 11.96 5.26
CA GLY A 105 -5.88 12.06 5.58
C GLY A 105 -6.52 11.05 6.53
N GLY A 106 -5.75 10.09 7.05
CA GLY A 106 -6.30 9.09 7.96
C GLY A 106 -6.83 7.79 7.35
N THR A 107 -6.74 6.70 8.11
CA THR A 107 -7.25 5.37 7.74
C THR A 107 -8.08 4.82 8.92
N LYS A 108 -9.36 4.60 8.68
CA LYS A 108 -10.30 4.09 9.68
C LYS A 108 -10.25 2.55 9.79
N LEU A 109 -9.84 2.06 10.96
CA LEU A 109 -9.77 0.63 11.26
C LEU A 109 -11.05 0.24 12.00
N GLU A 110 -11.74 -0.78 11.49
CA GLU A 110 -12.97 -1.27 12.11
C GLU A 110 -12.81 -2.73 12.49
N ILE A 111 -13.58 -3.19 13.46
CA ILE A 111 -13.46 -4.58 13.89
C ILE A 111 -14.63 -5.49 13.44
N LYS A 112 -14.34 -6.77 13.32
CA LYS A 112 -15.34 -7.77 12.94
C LYS A 112 -15.71 -8.51 14.24
N ARG A 113 -17.01 -8.74 14.36
CA ARG A 113 -17.61 -9.34 15.54
C ARG A 113 -18.74 -10.31 15.12
N ALA A 114 -19.21 -11.12 16.07
CA ALA A 114 -20.30 -12.06 15.83
C ALA A 114 -21.50 -11.18 15.55
N ASP A 115 -22.48 -11.68 14.80
CA ASP A 115 -23.67 -10.87 14.50
C ASP A 115 -24.50 -10.60 15.76
N ALA A 116 -25.29 -9.53 15.76
CA ALA A 116 -26.13 -9.16 16.90
C ALA A 116 -27.35 -8.33 16.51
N ALA A 117 -28.50 -8.73 17.03
CA ALA A 117 -29.77 -8.04 16.78
C ALA A 117 -29.86 -6.82 17.69
N PRO A 118 -30.52 -5.77 17.20
CA PRO A 118 -30.66 -4.53 17.98
C PRO A 118 -31.76 -4.55 19.05
N THR A 119 -31.50 -3.86 20.16
CA THR A 119 -32.50 -3.73 21.20
C THR A 119 -33.19 -2.43 20.79
N VAL A 120 -34.48 -2.49 20.49
CA VAL A 120 -35.26 -1.32 20.02
C VAL A 120 -36.19 -0.73 21.09
N SER A 121 -36.33 0.59 21.10
CA SER A 121 -37.17 1.28 22.06
C SER A 121 -37.73 2.52 21.41
N ILE A 122 -39.04 2.69 21.54
CA ILE A 122 -39.74 3.85 21.01
C ILE A 122 -40.18 4.70 22.24
N PHE A 123 -40.23 6.03 22.04
CA PHE A 123 -40.63 6.98 23.10
C PHE A 123 -41.55 8.04 22.51
N PRO A 124 -42.66 8.31 23.20
CA PRO A 124 -43.59 9.32 22.71
C PRO A 124 -43.06 10.73 23.00
N PRO A 125 -43.57 11.75 22.28
CA PRO A 125 -43.12 13.13 22.51
C PRO A 125 -43.39 13.50 23.97
N SER A 126 -42.45 14.19 24.60
CA SER A 126 -42.59 14.62 25.99
C SER A 126 -43.65 15.69 26.03
N SER A 127 -44.26 15.88 27.19
CA SER A 127 -45.29 16.90 27.34
C SER A 127 -44.70 18.30 27.09
N GLU A 128 -43.52 18.54 27.65
CA GLU A 128 -42.83 19.84 27.51
C GLU A 128 -42.69 20.25 26.04
N GLN A 129 -42.26 19.32 25.20
CA GLN A 129 -42.10 19.59 23.78
C GLN A 129 -43.42 19.89 23.10
N LEU A 130 -44.47 19.16 23.46
CA LEU A 130 -45.77 19.40 22.85
C LEU A 130 -46.30 20.78 23.24
N THR A 131 -45.99 21.23 24.45
CA THR A 131 -46.41 22.54 24.95
C THR A 131 -45.85 23.63 24.02
N SER A 132 -44.58 23.47 23.67
CA SER A 132 -43.90 24.40 22.79
C SER A 132 -44.45 24.32 21.35
N GLY A 133 -45.12 23.20 21.02
CA GLY A 133 -45.72 23.06 19.70
C GLY A 133 -45.17 22.05 18.71
N GLY A 134 -44.14 21.31 19.09
CA GLY A 134 -43.58 20.32 18.18
C GLY A 134 -43.78 18.94 18.77
N ALA A 135 -43.50 17.91 17.98
CA ALA A 135 -43.69 16.52 18.43
C ALA A 135 -42.67 15.59 17.84
N SER A 136 -41.63 15.27 18.59
CA SER A 136 -40.63 14.34 18.07
C SER A 136 -40.86 12.99 18.72
N VAL A 137 -40.91 11.96 17.90
CA VAL A 137 -41.10 10.60 18.35
C VAL A 137 -39.71 9.99 18.14
N VAL A 138 -39.14 9.39 19.19
CA VAL A 138 -37.78 8.83 19.11
C VAL A 138 -37.71 7.32 19.26
N CYS A 139 -36.81 6.69 18.51
CA CYS A 139 -36.62 5.26 18.55
C CYS A 139 -35.12 4.96 18.57
N PHE A 140 -34.67 4.24 19.59
CA PHE A 140 -33.25 3.87 19.73
C PHE A 140 -33.06 2.42 19.29
N LEU A 141 -32.06 2.14 18.45
CA LEU A 141 -31.77 0.78 18.00
C LEU A 141 -30.34 0.50 18.48
N ASN A 142 -30.23 -0.05 19.69
CA ASN A 142 -28.94 -0.30 20.33
C ASN A 142 -28.23 -1.64 20.22
N ASN A 143 -26.90 -1.55 20.28
CA ASN A 143 -25.97 -2.68 20.27
C ASN A 143 -26.11 -3.77 19.23
N PHE A 144 -26.10 -3.41 17.96
CA PHE A 144 -26.20 -4.41 16.91
C PHE A 144 -24.96 -4.62 16.10
N TYR A 145 -25.06 -5.49 15.09
CA TYR A 145 -23.95 -5.80 14.20
C TYR A 145 -24.48 -6.79 13.17
N PRO A 146 -24.18 -6.59 11.87
CA PRO A 146 -23.41 -5.51 11.21
C PRO A 146 -24.10 -4.13 11.22
N LYS A 147 -23.35 -3.10 10.81
CA LYS A 147 -23.85 -1.73 10.78
C LYS A 147 -24.99 -1.45 9.84
N ASP A 148 -25.15 -2.27 8.82
CA ASP A 148 -26.20 -2.04 7.86
C ASP A 148 -27.54 -2.38 8.51
N ILE A 149 -28.52 -1.49 8.35
CA ILE A 149 -29.82 -1.67 8.97
C ILE A 149 -30.80 -0.65 8.36
N ASN A 150 -32.09 -0.95 8.42
CA ASN A 150 -33.13 -0.08 7.87
C ASN A 150 -34.21 0.17 8.91
N VAL A 151 -34.69 1.41 8.97
CA VAL A 151 -35.75 1.79 9.89
C VAL A 151 -36.87 2.41 9.08
N LYS A 152 -38.11 2.11 9.47
CA LYS A 152 -39.28 2.65 8.80
C LYS A 152 -40.27 3.10 9.87
N TRP A 153 -40.80 4.30 9.71
CA TRP A 153 -41.79 4.88 10.62
C TRP A 153 -43.11 4.73 9.89
N LYS A 154 -44.18 4.50 10.65
CA LYS A 154 -45.50 4.33 10.08
C LYS A 154 -46.56 4.97 10.96
N ILE A 155 -47.34 5.84 10.34
CA ILE A 155 -48.40 6.53 11.05
C ILE A 155 -49.73 5.87 10.65
N ASP A 156 -50.37 5.20 11.60
CA ASP A 156 -51.62 4.52 11.35
C ASP A 156 -51.46 3.58 10.17
N GLY A 157 -50.39 2.80 10.25
CA GLY A 157 -50.08 1.83 9.24
C GLY A 157 -49.49 2.44 8.02
N SER A 158 -49.80 3.71 7.76
CA SER A 158 -49.28 4.38 6.58
C SER A 158 -47.80 4.74 6.72
N GLU A 159 -47.01 4.29 5.76
CA GLU A 159 -45.56 4.50 5.80
C GLU A 159 -45.17 5.98 5.61
N ARG A 160 -44.30 6.47 6.48
CA ARG A 160 -43.84 7.87 6.49
C ARG A 160 -42.33 7.95 6.21
N GLN A 161 -41.96 8.81 5.26
CA GLN A 161 -40.56 8.98 4.93
C GLN A 161 -40.01 10.37 5.25
N ASN A 162 -40.86 11.39 5.13
CA ASN A 162 -40.44 12.77 5.43
C ASN A 162 -40.56 13.22 6.88
N GLY A 163 -39.49 13.86 7.36
CA GLY A 163 -39.42 14.36 8.73
C GLY A 163 -38.54 13.51 9.62
N VAL A 164 -37.80 12.58 9.02
CA VAL A 164 -36.94 11.68 9.79
C VAL A 164 -35.49 12.12 9.78
N LEU A 165 -34.89 12.07 10.98
CA LEU A 165 -33.48 12.41 11.16
C LEU A 165 -32.83 11.23 11.83
N ASN A 166 -31.78 10.71 11.21
CA ASN A 166 -31.08 9.55 11.73
C ASN A 166 -29.64 9.85 12.14
N SER A 167 -29.13 9.13 13.14
CA SER A 167 -27.78 9.33 13.59
C SER A 167 -27.15 8.03 14.05
N TRP A 168 -25.99 7.71 13.50
CA TRP A 168 -25.25 6.50 13.85
C TRP A 168 -24.09 6.80 14.75
N THR A 169 -23.93 5.93 15.72
CA THR A 169 -22.87 6.00 16.68
C THR A 169 -21.64 5.36 16.02
N ASP A 170 -20.46 5.59 16.59
CA ASP A 170 -19.25 4.98 16.09
C ASP A 170 -19.21 3.60 16.75
N GLN A 171 -18.48 2.65 16.15
CA GLN A 171 -18.37 1.30 16.68
C GLN A 171 -17.76 1.30 18.08
N ASP A 172 -18.34 0.50 18.97
CA ASP A 172 -17.93 0.38 20.38
C ASP A 172 -16.59 -0.32 20.55
N SER A 173 -15.69 0.30 21.31
CA SER A 173 -14.38 -0.30 21.51
C SER A 173 -14.47 -1.53 22.41
N LYS A 174 -15.43 -1.51 23.34
CA LYS A 174 -15.60 -2.61 24.27
C LYS A 174 -16.24 -3.86 23.68
N ASP A 175 -17.33 -3.72 22.92
CA ASP A 175 -17.99 -4.89 22.36
C ASP A 175 -18.15 -4.90 20.85
N SER A 176 -17.46 -3.98 20.17
CA SER A 176 -17.49 -3.86 18.71
C SER A 176 -18.85 -3.68 18.06
N THR A 177 -19.85 -3.21 18.80
CA THR A 177 -21.17 -3.02 18.22
C THR A 177 -21.43 -1.60 17.74
N TYR A 178 -22.56 -1.42 17.07
CA TYR A 178 -22.98 -0.14 16.55
C TYR A 178 -24.33 0.23 17.17
N SER A 179 -24.67 1.53 17.17
CA SER A 179 -25.97 1.95 17.67
C SER A 179 -26.51 3.05 16.80
N MET A 180 -27.83 3.16 16.75
CA MET A 180 -28.44 4.18 15.91
C MET A 180 -29.65 4.79 16.59
N SER A 181 -30.03 5.98 16.16
CA SER A 181 -31.14 6.72 16.72
C SER A 181 -31.91 7.26 15.54
N SER A 182 -33.23 7.20 15.59
CA SER A 182 -34.10 7.68 14.52
C SER A 182 -35.19 8.53 15.19
N THR A 183 -35.45 9.71 14.63
CA THR A 183 -36.45 10.63 15.16
C THR A 183 -37.38 11.17 14.07
N LEU A 184 -38.69 11.04 14.27
CA LEU A 184 -39.67 11.56 13.33
C LEU A 184 -40.23 12.81 14.02
N THR A 185 -40.01 13.98 13.43
CA THR A 185 -40.45 15.24 14.00
C THR A 185 -41.64 15.84 13.28
N LEU A 186 -42.72 16.07 14.03
CA LEU A 186 -43.94 16.63 13.47
C LEU A 186 -44.38 17.88 14.26
N THR A 187 -45.36 18.61 13.72
CA THR A 187 -45.91 19.77 14.39
C THR A 187 -46.89 19.15 15.41
N LYS A 188 -47.27 19.89 16.45
CA LYS A 188 -48.19 19.39 17.45
C LYS A 188 -49.53 19.05 16.78
N ASP A 189 -49.89 19.86 15.77
CA ASP A 189 -51.13 19.73 14.99
C ASP A 189 -51.22 18.47 14.12
N GLU A 190 -50.10 18.09 13.50
CA GLU A 190 -50.02 16.92 12.63
C GLU A 190 -50.04 15.61 13.44
N TYR A 191 -49.36 15.62 14.59
CA TYR A 191 -49.28 14.46 15.50
C TYR A 191 -50.68 14.11 16.05
N GLU A 192 -51.47 15.12 16.39
CA GLU A 192 -52.81 14.92 16.93
C GLU A 192 -53.85 14.38 15.95
N ARG A 193 -53.46 14.24 14.67
CA ARG A 193 -54.36 13.73 13.64
C ARG A 193 -54.29 12.22 13.44
N HIS A 194 -53.48 11.52 14.24
CA HIS A 194 -53.32 10.08 14.08
C HIS A 194 -53.12 9.49 15.45
N ASN A 195 -53.16 8.16 15.57
CA ASN A 195 -53.03 7.54 16.88
C ASN A 195 -51.88 6.55 17.03
N SER A 196 -51.66 5.75 16.00
CA SER A 196 -50.62 4.73 15.97
C SER A 196 -49.25 5.17 15.41
N TYR A 197 -48.22 5.10 16.25
CA TYR A 197 -46.86 5.47 15.87
C TYR A 197 -45.97 4.23 15.94
N THR A 198 -45.39 3.85 14.79
CA THR A 198 -44.58 2.64 14.70
C THR A 198 -43.17 2.78 14.14
N CYS A 199 -42.27 2.04 14.77
CA CYS A 199 -40.87 2.01 14.43
C CYS A 199 -40.52 0.55 14.14
N GLU A 200 -40.03 0.30 12.93
CA GLU A 200 -39.66 -1.04 12.49
C GLU A 200 -38.21 -1.17 12.00
N ALA A 201 -37.47 -2.11 12.57
CA ALA A 201 -36.09 -2.33 12.20
C ALA A 201 -35.86 -3.62 11.40
N THR A 202 -35.24 -3.49 10.23
CA THR A 202 -34.92 -4.65 9.42
C THR A 202 -33.39 -4.84 9.44
N HIS A 203 -32.96 -5.99 9.95
CA HIS A 203 -31.53 -6.28 10.09
C HIS A 203 -31.25 -7.76 9.78
N LYS A 204 -30.01 -8.02 9.34
CA LYS A 204 -29.50 -9.35 8.99
C LYS A 204 -29.90 -10.45 9.95
N THR A 205 -29.95 -10.10 11.23
CA THR A 205 -30.30 -11.03 12.28
C THR A 205 -31.75 -11.57 12.25
N SER A 206 -32.53 -11.22 11.23
CA SER A 206 -33.91 -11.67 11.13
C SER A 206 -34.58 -11.32 9.79
N THR A 207 -35.49 -12.19 9.36
CA THR A 207 -36.25 -12.02 8.11
C THR A 207 -37.46 -11.15 8.37
N SER A 208 -37.98 -11.26 9.59
CA SER A 208 -39.11 -10.47 10.03
C SER A 208 -38.51 -9.29 10.83
N PRO A 209 -39.16 -8.13 10.79
CA PRO A 209 -38.67 -6.94 11.50
C PRO A 209 -39.07 -6.84 12.97
N ILE A 210 -38.31 -6.06 13.74
CA ILE A 210 -38.62 -5.81 15.15
C ILE A 210 -39.58 -4.62 15.14
N VAL A 211 -40.72 -4.76 15.81
CA VAL A 211 -41.68 -3.69 15.80
C VAL A 211 -41.92 -3.10 17.18
N LYS A 212 -41.78 -1.78 17.28
CA LYS A 212 -42.03 -1.12 18.55
C LYS A 212 -43.15 -0.14 18.22
N SER A 213 -44.17 -0.11 19.05
CA SER A 213 -45.29 0.77 18.76
C SER A 213 -45.99 1.33 19.99
N PHE A 214 -46.66 2.45 19.77
CA PHE A 214 -47.44 3.08 20.82
C PHE A 214 -48.57 3.82 20.10
N ASN A 215 -49.63 4.04 20.85
CA ASN A 215 -50.81 4.74 20.36
C ASN A 215 -51.03 5.85 21.36
N ARG A 216 -51.53 6.97 20.90
CA ARG A 216 -51.80 8.10 21.78
C ARG A 216 -52.94 7.84 22.77
N GLU B 1 2.50 13.42 33.68
CA GLU B 1 3.70 14.32 33.68
C GLU B 1 3.35 15.66 33.01
N VAL B 2 3.92 15.92 31.82
CA VAL B 2 3.64 17.15 31.09
C VAL B 2 2.17 17.07 30.73
N LYS B 3 1.40 18.09 31.10
CA LYS B 3 -0.02 18.11 30.80
C LYS B 3 -0.43 19.41 30.12
N LEU B 4 -1.15 19.29 29.01
CA LEU B 4 -1.61 20.44 28.23
C LEU B 4 -3.12 20.66 28.40
N GLN B 5 -3.54 21.91 28.15
CA GLN B 5 -4.93 22.32 28.30
C GLN B 5 -5.32 23.57 27.51
N GLU B 6 -6.23 23.44 26.56
CA GLU B 6 -6.67 24.60 25.74
C GLU B 6 -7.84 25.31 26.42
N SER B 7 -8.02 26.59 26.12
CA SER B 7 -9.12 27.41 26.62
C SER B 7 -9.31 28.54 25.59
N GLY B 8 -10.54 29.05 25.44
CA GLY B 8 -10.83 30.11 24.48
C GLY B 8 -12.32 30.18 24.16
N PRO B 9 -12.79 31.05 23.24
CA PRO B 9 -14.23 31.15 22.92
C PRO B 9 -14.78 30.01 22.06
N SER B 10 -16.09 29.73 22.17
CA SER B 10 -16.74 28.68 21.40
C SER B 10 -17.25 29.24 20.08
N LEU B 11 -17.61 30.53 20.09
CA LEU B 11 -18.11 31.18 18.88
C LEU B 11 -17.47 32.56 18.63
N VAL B 12 -17.01 32.80 17.41
CA VAL B 12 -16.43 34.11 17.04
C VAL B 12 -16.93 34.45 15.65
N LYS B 13 -17.35 35.71 15.47
CA LYS B 13 -17.93 36.17 14.21
C LYS B 13 -16.91 36.45 13.12
N PRO B 14 -17.31 36.32 11.83
CA PRO B 14 -16.39 36.56 10.72
C PRO B 14 -15.65 37.92 10.88
N SER B 15 -14.46 38.02 10.29
CA SER B 15 -13.63 39.21 10.34
C SER B 15 -12.99 39.51 11.70
N GLN B 16 -13.44 38.82 12.76
CA GLN B 16 -12.87 39.02 14.08
C GLN B 16 -11.63 38.16 14.27
N THR B 17 -11.00 38.27 15.43
CA THR B 17 -9.80 37.51 15.73
C THR B 17 -10.09 36.47 16.79
N LEU B 18 -9.55 35.28 16.58
CA LEU B 18 -9.68 34.17 17.49
C LEU B 18 -8.42 34.12 18.36
N SER B 19 -8.58 33.92 19.67
CA SER B 19 -7.45 33.87 20.57
C SER B 19 -7.59 32.73 21.57
N LEU B 20 -6.63 31.81 21.56
CA LEU B 20 -6.67 30.68 22.48
C LEU B 20 -5.46 30.70 23.39
N THR B 21 -5.49 29.88 24.42
CA THR B 21 -4.42 29.78 25.40
C THR B 21 -4.11 28.33 25.69
N CYS B 22 -2.82 28.00 25.76
CA CYS B 22 -2.41 26.66 26.08
C CYS B 22 -1.74 26.74 27.43
N SER B 23 -2.35 26.14 28.44
CA SER B 23 -1.82 26.14 29.79
C SER B 23 -1.05 24.83 30.12
N VAL B 24 0.25 24.96 30.40
CA VAL B 24 1.14 23.82 30.66
C VAL B 24 1.49 23.57 32.13
N THR B 25 1.32 22.32 32.56
CA THR B 25 1.61 21.94 33.93
C THR B 25 2.59 20.76 33.86
N GLY B 26 3.53 20.70 34.80
CA GLY B 26 4.56 19.66 34.79
C GLY B 26 5.91 20.35 34.57
N ASP B 27 6.49 20.20 33.39
CA ASP B 27 7.78 20.82 33.10
C ASP B 27 7.60 22.30 32.73
N SER B 28 8.74 22.96 32.46
CA SER B 28 8.78 24.37 32.04
C SER B 28 8.75 24.45 30.50
N ILE B 29 8.08 25.45 29.94
CA ILE B 29 8.04 25.53 28.50
C ILE B 29 9.38 25.83 27.83
N THR B 30 10.39 26.17 28.64
CA THR B 30 11.70 26.48 28.09
C THR B 30 12.48 25.20 27.78
N SER B 31 11.90 24.07 28.15
CA SER B 31 12.52 22.77 27.89
C SER B 31 12.10 22.15 26.54
N ASP B 32 11.35 22.89 25.71
CA ASP B 32 10.92 22.32 24.42
C ASP B 32 10.31 23.40 23.51
N PHE B 33 9.95 23.02 22.28
CA PHE B 33 9.29 23.92 21.32
C PHE B 33 7.79 23.54 21.36
N TRP B 34 6.90 24.50 21.08
CA TRP B 34 5.45 24.29 21.19
C TRP B 34 4.60 24.73 19.99
N SER B 35 3.58 23.91 19.66
CA SER B 35 2.71 24.15 18.49
C SER B 35 1.18 24.21 18.70
N TRP B 36 0.51 24.51 17.58
CA TRP B 36 -0.94 24.59 17.49
C TRP B 36 -1.33 23.79 16.23
N ILE B 37 -2.20 22.81 16.43
CA ILE B 37 -2.67 21.91 15.37
C ILE B 37 -4.21 21.84 15.41
N ARG B 38 -4.87 22.06 14.27
CA ARG B 38 -6.31 21.99 14.24
C ARG B 38 -6.82 20.85 13.33
N GLN B 39 -8.01 20.35 13.66
CA GLN B 39 -8.67 19.27 12.93
C GLN B 39 -10.05 19.73 12.48
N PHE B 40 -10.27 19.71 11.18
CA PHE B 40 -11.52 20.13 10.58
C PHE B 40 -12.56 19.03 10.58
N PRO B 41 -13.80 19.39 10.26
CA PRO B 41 -14.89 18.42 10.19
C PRO B 41 -14.56 17.62 8.93
N GLY B 42 -14.30 16.33 9.12
CA GLY B 42 -13.89 15.48 8.03
C GLY B 42 -12.64 14.78 8.55
N ASN B 43 -12.12 15.31 9.66
CA ASN B 43 -10.96 14.80 10.37
C ASN B 43 -9.54 15.04 9.77
N ARG B 44 -9.47 15.98 8.82
CA ARG B 44 -8.21 16.38 8.20
C ARG B 44 -7.47 17.31 9.18
N LEU B 45 -6.19 17.03 9.40
CA LEU B 45 -5.33 17.79 10.31
C LEU B 45 -4.39 18.78 9.59
N GLU B 46 -4.30 20.00 10.12
CA GLU B 46 -3.45 21.07 9.58
C GLU B 46 -2.51 21.58 10.67
N TYR B 47 -1.19 21.40 10.49
CA TYR B 47 -0.18 21.87 11.44
C TYR B 47 -0.12 23.41 11.28
N MET B 48 -0.46 24.15 12.34
CA MET B 48 -0.51 25.61 12.26
C MET B 48 0.85 26.31 12.36
N GLY B 49 1.66 25.89 13.30
CA GLY B 49 2.96 26.53 13.41
C GLY B 49 3.54 26.23 14.76
N PHE B 50 4.77 26.67 15.01
CA PHE B 50 5.39 26.46 16.32
C PHE B 50 6.25 27.66 16.77
N VAL B 51 6.55 27.69 18.07
CA VAL B 51 7.33 28.75 18.68
C VAL B 51 8.50 28.10 19.47
N GLN B 52 9.72 28.61 19.27
CA GLN B 52 10.91 28.09 19.97
C GLN B 52 11.06 28.79 21.34
N TYR B 53 11.97 28.29 22.18
CA TYR B 53 12.21 28.88 23.52
C TYR B 53 12.85 30.29 23.50
N SER B 54 13.25 30.73 22.30
CA SER B 54 13.84 32.05 22.08
C SER B 54 12.74 33.03 21.58
N GLY B 55 11.54 32.52 21.34
CA GLY B 55 10.46 33.36 20.83
C GLY B 55 10.38 33.28 19.32
N GLU B 56 11.34 32.62 18.67
CA GLU B 56 11.30 32.52 17.22
C GLU B 56 10.13 31.61 16.77
N THR B 57 9.53 31.93 15.62
CA THR B 57 8.38 31.17 15.10
C THR B 57 8.43 30.65 13.63
N ALA B 58 7.60 29.65 13.35
CA ALA B 58 7.45 29.10 12.02
C ALA B 58 5.95 28.96 11.87
N TYR B 59 5.39 29.58 10.84
CA TYR B 59 3.96 29.55 10.60
C TYR B 59 3.71 28.93 9.22
N ASN B 60 2.67 28.12 9.11
CA ASN B 60 2.27 27.47 7.84
C ASN B 60 1.80 28.60 6.86
N PRO B 61 2.32 28.61 5.63
CA PRO B 61 1.99 29.60 4.58
C PRO B 61 0.51 29.67 4.23
N SER B 62 -0.23 28.61 4.53
CA SER B 62 -1.68 28.57 4.25
C SER B 62 -2.41 29.64 5.06
N LEU B 63 -1.82 30.03 6.20
CA LEU B 63 -2.40 31.02 7.11
C LEU B 63 -1.92 32.44 6.83
N LYS B 64 -1.77 32.73 5.54
CA LYS B 64 -1.31 34.01 4.99
C LYS B 64 -1.25 35.26 5.89
N SER B 65 -0.30 35.26 6.83
CA SER B 65 -0.10 36.42 7.72
C SER B 65 -1.30 36.76 8.60
N ARG B 66 -2.02 35.76 9.06
CA ARG B 66 -3.16 36.00 9.92
C ARG B 66 -2.84 35.44 11.31
N ILE B 67 -1.74 34.73 11.42
CA ILE B 67 -1.42 34.07 12.67
C ILE B 67 -0.27 34.63 13.50
N SER B 68 -0.38 34.46 14.80
CA SER B 68 0.63 34.90 15.74
C SER B 68 0.74 33.97 16.93
N ILE B 69 1.92 33.41 17.17
CA ILE B 69 2.14 32.54 18.32
C ILE B 69 3.21 33.20 19.22
N THR B 70 2.86 33.39 20.50
CA THR B 70 3.70 34.03 21.52
C THR B 70 3.56 33.28 22.84
N ARG B 71 4.34 33.65 23.86
CA ARG B 71 4.31 32.97 25.16
C ARG B 71 4.43 33.81 26.43
N ASP B 72 4.16 33.18 27.57
CA ASP B 72 4.29 33.76 28.92
C ASP B 72 4.94 32.67 29.75
N THR B 73 6.26 32.63 29.61
CA THR B 73 7.13 31.68 30.27
C THR B 73 7.01 31.59 31.79
N SER B 74 6.75 32.71 32.46
CA SER B 74 6.63 32.69 33.92
C SER B 74 5.32 32.01 34.31
N LYS B 75 4.30 32.23 33.50
CA LYS B 75 2.97 31.63 33.72
C LYS B 75 2.90 30.19 33.18
N ASN B 76 3.88 29.82 32.37
CA ASN B 76 3.95 28.48 31.76
C ASN B 76 2.78 28.24 30.81
N GLN B 77 2.49 29.25 29.99
CA GLN B 77 1.43 29.17 29.00
C GLN B 77 1.76 29.90 27.71
N TYR B 78 1.20 29.44 26.59
CA TYR B 78 1.41 30.07 25.28
C TYR B 78 0.07 30.36 24.60
N TYR B 79 0.07 31.19 23.56
CA TYR B 79 -1.17 31.66 22.94
C TYR B 79 -1.21 31.59 21.44
N LEU B 80 -2.42 31.75 20.88
CA LEU B 80 -2.65 31.78 19.44
C LEU B 80 -3.64 32.90 19.18
N ASP B 81 -3.37 33.70 18.16
CA ASP B 81 -4.25 34.80 17.75
C ASP B 81 -4.33 34.66 16.23
N LEU B 82 -5.54 34.55 15.71
CA LEU B 82 -5.76 34.37 14.28
C LEU B 82 -6.72 35.46 13.79
N ASN B 83 -6.28 36.23 12.79
CA ASN B 83 -7.00 37.36 12.21
C ASN B 83 -8.04 37.06 11.21
N SER B 84 -8.91 38.05 11.04
CA SER B 84 -10.02 38.06 10.10
C SER B 84 -10.52 36.68 9.72
N VAL B 85 -11.01 35.93 10.70
CA VAL B 85 -11.51 34.58 10.47
C VAL B 85 -12.75 34.54 9.58
N THR B 86 -12.97 33.36 9.00
CA THR B 86 -14.14 33.09 8.17
C THR B 86 -14.62 31.68 8.56
N THR B 87 -15.69 31.26 7.89
CA THR B 87 -16.27 29.95 8.09
C THR B 87 -15.19 28.88 8.11
N GLU B 88 -14.26 28.96 7.16
CA GLU B 88 -13.17 28.00 7.06
C GLU B 88 -12.30 27.81 8.27
N ASP B 89 -12.43 28.70 9.23
CA ASP B 89 -11.63 28.58 10.43
C ASP B 89 -12.31 27.75 11.54
N THR B 90 -13.48 27.20 11.25
CA THR B 90 -14.19 26.33 12.21
C THR B 90 -13.40 25.01 12.33
N ALA B 91 -13.15 24.53 13.56
CA ALA B 91 -12.38 23.31 13.79
C ALA B 91 -12.16 23.05 15.28
N VAL B 92 -11.54 21.95 15.65
CA VAL B 92 -11.22 21.78 17.05
C VAL B 92 -9.70 22.06 17.14
N TYR B 93 -9.33 22.93 18.08
CA TYR B 93 -7.95 23.34 18.27
C TYR B 93 -7.18 22.61 19.37
N TYR B 94 -6.01 22.05 19.04
CA TYR B 94 -5.18 21.34 20.01
C TYR B 94 -3.86 22.06 20.13
N CYS B 95 -3.22 21.94 21.28
CA CYS B 95 -1.90 22.48 21.47
C CYS B 95 -1.09 21.23 21.81
N ALA B 96 0.16 21.18 21.36
CA ALA B 96 1.04 20.03 21.58
C ALA B 96 2.50 20.47 21.51
N ASN B 97 3.43 19.71 22.08
CA ASN B 97 4.84 20.08 21.97
C ASN B 97 5.09 19.89 20.46
N TRP B 98 6.05 20.59 19.88
CA TRP B 98 6.23 20.53 18.41
C TRP B 98 6.28 19.16 17.70
N HIS B 99 6.71 18.10 18.39
CA HIS B 99 6.81 16.75 17.81
C HIS B 99 5.54 15.91 17.98
N GLY B 100 4.56 16.43 18.73
CA GLY B 100 3.33 15.68 18.97
C GLY B 100 3.54 14.60 20.02
N ASP B 101 4.53 14.81 20.88
CA ASP B 101 4.82 13.88 21.96
C ASP B 101 3.67 14.00 22.96
N TYR B 102 3.26 15.24 23.26
CA TYR B 102 2.17 15.49 24.21
C TYR B 102 1.14 16.42 23.59
N TRP B 103 -0.14 16.17 23.89
CA TRP B 103 -1.25 16.97 23.38
C TRP B 103 -2.25 17.35 24.48
N GLY B 104 -3.06 18.36 24.19
CA GLY B 104 -4.10 18.75 25.13
C GLY B 104 -5.35 17.94 24.75
N GLN B 105 -6.50 18.32 25.29
CA GLN B 105 -7.76 17.61 25.01
C GLN B 105 -8.44 18.13 23.74
N GLY B 106 -8.09 19.34 23.33
CA GLY B 106 -8.66 19.96 22.13
C GLY B 106 -9.79 20.88 22.51
N THR B 107 -10.04 21.93 21.73
CA THR B 107 -11.15 22.84 22.05
C THR B 107 -11.93 23.23 20.78
N THR B 108 -13.25 23.04 20.80
CA THR B 108 -14.12 23.35 19.65
C THR B 108 -14.42 24.85 19.44
N VAL B 109 -14.15 25.31 18.23
CA VAL B 109 -14.37 26.72 17.90
C VAL B 109 -15.13 26.80 16.58
N THR B 110 -16.20 27.60 16.55
CA THR B 110 -17.03 27.75 15.34
C THR B 110 -17.02 29.21 14.97
N VAL B 111 -16.85 29.50 13.69
CA VAL B 111 -16.82 30.88 13.22
C VAL B 111 -18.10 31.05 12.42
N SER B 112 -18.98 31.96 12.86
CA SER B 112 -20.25 32.19 12.19
C SER B 112 -20.88 33.54 12.55
N SER B 113 -21.75 34.00 11.63
CA SER B 113 -22.53 35.23 11.83
C SER B 113 -23.91 34.87 12.45
N ALA B 114 -24.24 33.57 12.55
CA ALA B 114 -25.51 33.11 13.14
C ALA B 114 -25.50 33.27 14.67
N LYS B 115 -26.66 33.52 15.28
CA LYS B 115 -26.75 33.71 16.75
C LYS B 115 -26.71 32.40 17.53
N THR B 116 -26.26 32.49 18.77
CA THR B 116 -26.20 31.36 19.66
C THR B 116 -27.64 31.00 20.05
N THR B 117 -27.93 29.69 20.03
CA THR B 117 -29.25 29.14 20.39
C THR B 117 -29.07 28.02 21.42
N PRO B 118 -29.58 28.23 22.65
CA PRO B 118 -29.46 27.18 23.68
C PRO B 118 -30.39 26.02 23.35
N PRO B 119 -30.01 24.79 23.71
CA PRO B 119 -30.83 23.61 23.42
C PRO B 119 -32.06 23.51 24.30
N SER B 120 -33.07 22.81 23.79
CA SER B 120 -34.29 22.52 24.54
C SER B 120 -34.00 21.10 25.00
N VAL B 121 -34.02 20.87 26.30
CA VAL B 121 -33.73 19.55 26.87
C VAL B 121 -35.01 18.79 27.31
N TYR B 122 -35.44 17.84 26.49
CA TYR B 122 -36.65 17.08 26.75
C TYR B 122 -36.35 15.65 27.21
N PRO B 123 -37.09 15.13 28.21
CA PRO B 123 -36.91 13.77 28.76
C PRO B 123 -37.65 12.70 27.94
N LEU B 124 -37.10 11.48 27.94
CA LEU B 124 -37.70 10.37 27.20
C LEU B 124 -37.94 9.17 28.12
N ALA B 125 -39.19 9.04 28.57
CA ALA B 125 -39.65 7.96 29.44
C ALA B 125 -40.60 7.13 28.60
N PRO B 126 -40.63 5.80 28.80
CA PRO B 126 -41.51 4.90 28.05
C PRO B 126 -42.98 5.27 28.20
N GLY B 127 -43.79 4.90 27.20
CA GLY B 127 -45.24 5.16 27.22
C GLY B 127 -45.83 4.49 28.47
N SER B 128 -46.81 5.11 29.10
CA SER B 128 -47.42 4.61 30.36
C SER B 128 -47.78 3.11 30.53
N ALA B 129 -47.78 2.32 29.46
CA ALA B 129 -48.03 0.85 29.54
C ALA B 129 -46.70 0.07 29.37
N ALA B 130 -46.48 -1.00 30.16
CA ALA B 130 -45.23 -1.80 30.09
C ALA B 130 -44.98 -2.85 31.23
N GLN B 131 -43.67 -3.09 31.47
CA GLN B 131 -43.03 -3.94 32.50
C GLN B 131 -42.80 -5.48 32.59
N THR B 132 -42.46 -6.18 31.53
CA THR B 132 -42.16 -7.60 31.74
C THR B 132 -40.61 -7.70 31.79
N ASN B 133 -39.97 -6.58 31.48
CA ASN B 133 -38.51 -6.52 31.31
C ASN B 133 -37.55 -6.24 32.46
N SER B 134 -36.44 -6.97 32.48
CA SER B 134 -35.43 -6.85 33.54
C SER B 134 -34.64 -5.55 33.53
N MET B 135 -34.51 -4.94 32.35
CA MET B 135 -33.81 -3.67 32.14
C MET B 135 -34.77 -2.61 31.61
N VAL B 136 -34.46 -1.35 31.84
CA VAL B 136 -35.28 -0.26 31.34
C VAL B 136 -34.35 0.81 30.73
N THR B 137 -34.75 1.32 29.56
CA THR B 137 -34.02 2.34 28.80
C THR B 137 -34.71 3.70 28.77
N LEU B 138 -33.98 4.75 29.17
CA LEU B 138 -34.49 6.12 29.19
C LEU B 138 -33.61 6.95 28.25
N GLY B 139 -33.99 8.19 28.02
CA GLY B 139 -33.18 9.03 27.14
C GLY B 139 -33.44 10.51 27.34
N CYS B 140 -32.63 11.33 26.67
CA CYS B 140 -32.75 12.80 26.70
C CYS B 140 -32.55 13.28 25.28
N LEU B 141 -33.44 14.16 24.82
CA LEU B 141 -33.39 14.74 23.50
C LEU B 141 -32.90 16.19 23.74
N VAL B 142 -31.78 16.53 23.11
CA VAL B 142 -31.14 17.86 23.21
C VAL B 142 -31.42 18.53 21.85
N LYS B 143 -32.48 19.31 21.82
CA LYS B 143 -32.95 19.88 20.58
C LYS B 143 -32.76 21.35 20.20
N GLY B 144 -32.44 21.54 18.91
CA GLY B 144 -32.29 22.85 18.30
C GLY B 144 -31.30 23.83 18.89
N TYR B 145 -30.04 23.44 19.00
CA TYR B 145 -29.04 24.36 19.55
C TYR B 145 -27.98 24.79 18.51
N PHE B 146 -27.23 25.83 18.83
CA PHE B 146 -26.18 26.32 17.95
C PHE B 146 -25.24 27.22 18.75
N PRO B 147 -23.91 27.05 18.56
CA PRO B 147 -23.27 26.08 17.67
C PRO B 147 -22.98 24.83 18.46
N GLU B 148 -22.08 24.00 17.94
CA GLU B 148 -21.67 22.80 18.65
C GLU B 148 -20.64 23.30 19.65
N PRO B 149 -20.31 22.52 20.69
CA PRO B 149 -20.79 21.19 21.07
C PRO B 149 -21.62 21.26 22.36
N VAL B 150 -22.04 20.09 22.87
CA VAL B 150 -22.75 19.98 24.15
C VAL B 150 -22.27 18.65 24.69
N THR B 151 -22.32 18.45 25.99
CA THR B 151 -21.93 17.15 26.54
C THR B 151 -23.07 16.61 27.43
N VAL B 152 -23.19 15.28 27.52
CA VAL B 152 -24.26 14.67 28.32
C VAL B 152 -23.66 13.64 29.28
N THR B 153 -24.13 13.63 30.52
CA THR B 153 -23.72 12.64 31.51
C THR B 153 -25.02 12.26 32.21
N TRP B 154 -25.06 11.09 32.84
CA TRP B 154 -26.26 10.65 33.54
C TRP B 154 -25.83 10.49 34.98
N ASN B 155 -26.55 11.15 35.88
CA ASN B 155 -26.22 11.09 37.29
C ASN B 155 -24.76 11.49 37.58
N SER B 156 -24.33 12.59 36.97
CA SER B 156 -22.97 13.12 37.16
C SER B 156 -21.86 12.14 36.80
N GLY B 157 -22.11 11.23 35.88
CA GLY B 157 -21.08 10.28 35.52
C GLY B 157 -21.08 9.01 36.36
N SER B 158 -22.02 8.89 37.31
CA SER B 158 -22.16 7.69 38.16
C SER B 158 -22.72 6.53 37.34
N LEU B 159 -23.49 6.88 36.32
CA LEU B 159 -24.07 5.94 35.37
C LEU B 159 -23.32 6.12 34.06
N SER B 160 -22.46 5.15 33.72
CA SER B 160 -21.68 5.22 32.48
C SER B 160 -21.72 3.97 31.57
N SER B 161 -21.75 2.79 32.18
CA SER B 161 -21.74 1.52 31.45
C SER B 161 -22.85 1.24 30.41
N GLY B 162 -24.04 1.77 30.63
CA GLY B 162 -25.10 1.49 29.68
C GLY B 162 -25.52 2.69 28.87
N VAL B 163 -24.60 3.63 28.70
CA VAL B 163 -24.88 4.88 27.99
C VAL B 163 -24.44 4.91 26.53
N HIS B 164 -25.21 5.64 25.72
CA HIS B 164 -24.91 5.84 24.30
C HIS B 164 -25.28 7.28 24.10
N THR B 165 -24.38 8.06 23.53
CA THR B 165 -24.69 9.43 23.24
C THR B 165 -24.52 9.50 21.74
N PHE B 166 -25.53 9.94 21.02
CA PHE B 166 -25.45 10.00 19.58
C PHE B 166 -25.00 11.34 19.03
N PRO B 167 -24.26 11.32 17.91
CA PRO B 167 -23.74 12.49 17.22
C PRO B 167 -24.89 13.40 16.75
N ALA B 168 -24.72 14.72 16.88
CA ALA B 168 -25.76 15.66 16.48
C ALA B 168 -25.93 15.62 14.98
N VAL B 169 -27.10 16.05 14.54
CA VAL B 169 -27.47 16.09 13.15
C VAL B 169 -27.95 17.52 12.91
N LEU B 170 -27.88 17.97 11.66
CA LEU B 170 -28.32 19.31 11.31
C LEU B 170 -29.70 19.30 10.67
N GLN B 171 -30.59 20.14 11.17
CA GLN B 171 -31.94 20.26 10.63
C GLN B 171 -32.28 21.75 10.65
N SER B 172 -32.51 22.33 9.48
CA SER B 172 -32.83 23.74 9.37
C SER B 172 -31.82 24.66 10.07
N ASP B 173 -30.54 24.39 9.84
CA ASP B 173 -29.43 25.16 10.39
C ASP B 173 -29.27 25.07 11.91
N LEU B 174 -29.91 24.07 12.53
CA LEU B 174 -29.77 23.86 13.97
C LEU B 174 -29.44 22.40 14.29
N TYR B 175 -28.66 22.20 15.35
CA TYR B 175 -28.24 20.87 15.80
C TYR B 175 -29.20 20.19 16.75
N THR B 176 -29.22 18.86 16.70
CA THR B 176 -30.07 18.07 17.57
C THR B 176 -29.36 16.75 17.87
N LEU B 177 -29.23 16.42 19.14
CA LEU B 177 -28.64 15.13 19.50
C LEU B 177 -29.48 14.38 20.57
N SER B 178 -29.18 13.12 20.81
CA SER B 178 -29.90 12.36 21.80
C SER B 178 -28.95 11.40 22.52
N SER B 179 -29.34 10.97 23.71
CA SER B 179 -28.54 10.05 24.52
C SER B 179 -29.47 9.02 25.21
N SER B 180 -29.00 7.78 25.36
CA SER B 180 -29.80 6.75 26.00
C SER B 180 -29.06 6.04 27.13
N VAL B 181 -29.80 5.66 28.19
CA VAL B 181 -29.24 4.95 29.33
C VAL B 181 -30.14 3.77 29.66
N THR B 182 -29.53 2.62 29.94
CA THR B 182 -30.19 1.37 30.28
C THR B 182 -29.79 0.94 31.66
N VAL B 183 -30.78 0.79 32.54
CA VAL B 183 -30.52 0.34 33.90
C VAL B 183 -31.47 -0.81 34.29
N PRO B 184 -31.15 -1.57 35.38
CA PRO B 184 -32.03 -2.66 35.83
C PRO B 184 -33.37 -2.04 36.21
N SER B 185 -34.48 -2.62 35.78
CA SER B 185 -35.79 -2.09 36.12
C SER B 185 -36.01 -1.89 37.63
N SER B 186 -35.19 -2.54 38.45
CA SER B 186 -35.31 -2.42 39.88
C SER B 186 -34.63 -1.14 40.42
N THR B 187 -34.00 -0.36 39.54
CA THR B 187 -33.34 0.87 39.96
C THR B 187 -34.13 2.13 39.61
N TRP B 188 -34.93 2.07 38.56
CA TRP B 188 -35.74 3.21 38.16
C TRP B 188 -37.16 2.65 38.06
N PRO B 189 -38.17 3.38 38.55
CA PRO B 189 -38.12 4.69 39.19
C PRO B 189 -37.71 4.66 40.67
N SER B 190 -37.46 3.48 41.21
CA SER B 190 -37.07 3.30 42.60
C SER B 190 -36.06 4.37 43.07
N GLU B 191 -35.06 4.62 42.24
CA GLU B 191 -34.01 5.61 42.50
C GLU B 191 -34.04 6.57 41.32
N THR B 192 -33.64 7.83 41.53
CA THR B 192 -33.70 8.82 40.45
C THR B 192 -32.59 8.70 39.42
N VAL B 193 -32.93 9.13 38.21
CA VAL B 193 -32.04 9.12 37.07
C VAL B 193 -32.25 10.49 36.40
N THR B 194 -31.15 11.22 36.24
CA THR B 194 -31.16 12.56 35.66
C THR B 194 -30.06 12.72 34.61
N CYS B 195 -30.37 13.39 33.51
CA CYS B 195 -29.35 13.64 32.51
C CYS B 195 -28.88 15.11 32.68
N ASN B 196 -27.56 15.27 32.73
CA ASN B 196 -26.93 16.57 32.92
C ASN B 196 -26.43 17.02 31.55
N VAL B 197 -26.92 18.15 31.08
CA VAL B 197 -26.56 18.64 29.75
C VAL B 197 -25.82 19.98 29.80
N ALA B 198 -24.68 20.10 29.10
CA ALA B 198 -23.94 21.36 29.05
C ALA B 198 -23.74 21.88 27.62
N HIS B 199 -24.11 23.14 27.39
CA HIS B 199 -23.92 23.77 26.09
C HIS B 199 -23.01 24.96 26.37
N PRO B 200 -21.70 24.80 26.20
CA PRO B 200 -20.69 25.85 26.43
C PRO B 200 -20.97 27.24 25.82
N ALA B 201 -21.31 27.29 24.53
CA ALA B 201 -21.58 28.55 23.84
C ALA B 201 -22.58 29.47 24.51
N SER B 202 -23.61 28.92 25.15
CA SER B 202 -24.60 29.77 25.82
C SER B 202 -24.48 29.69 27.35
N SER B 203 -23.48 28.98 27.82
CA SER B 203 -23.22 28.81 29.24
C SER B 203 -24.39 28.09 29.90
N THR B 204 -24.91 27.09 29.21
CA THR B 204 -26.05 26.32 29.70
C THR B 204 -25.60 25.09 30.50
N LYS B 205 -26.23 24.87 31.66
CA LYS B 205 -25.95 23.72 32.50
C LYS B 205 -27.22 23.32 33.23
N VAL B 206 -28.04 22.51 32.57
CA VAL B 206 -29.32 22.03 33.08
C VAL B 206 -29.39 20.54 33.41
N ASP B 207 -30.05 20.23 34.53
CA ASP B 207 -30.23 18.87 35.01
C ASP B 207 -31.72 18.51 34.82
N LYS B 208 -32.00 17.46 34.06
CA LYS B 208 -33.37 17.05 33.79
C LYS B 208 -33.68 15.67 34.37
N LYS B 209 -34.59 15.63 35.34
CA LYS B 209 -34.97 14.38 35.99
C LYS B 209 -35.94 13.62 35.07
N ILE B 210 -35.69 12.32 34.91
CA ILE B 210 -36.54 11.48 34.08
C ILE B 210 -37.67 10.95 34.97
N VAL B 211 -38.89 11.42 34.70
CA VAL B 211 -40.06 11.04 35.46
C VAL B 211 -40.97 10.08 34.72
N PRO B 212 -41.51 9.08 35.42
CA PRO B 212 -42.40 8.11 34.75
C PRO B 212 -43.66 8.84 34.29
N ARG B 213 -44.12 8.50 33.10
CA ARG B 213 -45.32 9.10 32.54
C ARG B 213 -46.53 8.51 33.26
N ASP B 214 -47.23 9.38 34.00
CA ASP B 214 -48.42 9.03 34.76
C ASP B 214 -49.66 9.27 33.91
N ASP C 1 -12.03 -12.79 -12.77
CA ASP C 1 -11.23 -13.43 -11.67
C ASP C 1 -10.81 -12.34 -10.68
N ILE C 2 -10.27 -12.71 -9.53
CA ILE C 2 -9.81 -11.71 -8.57
C ILE C 2 -8.54 -11.02 -9.10
N GLU C 3 -8.57 -9.71 -9.21
CA GLU C 3 -7.41 -8.96 -9.70
C GLU C 3 -6.57 -8.43 -8.54
N LEU C 4 -5.27 -8.76 -8.56
CA LEU C 4 -4.32 -8.31 -7.55
C LEU C 4 -3.51 -7.15 -8.16
N THR C 5 -3.39 -6.05 -7.40
CA THR C 5 -2.65 -4.86 -7.87
C THR C 5 -1.49 -4.53 -6.94
N GLN C 6 -0.29 -4.46 -7.54
CA GLN C 6 0.96 -4.14 -6.84
C GLN C 6 1.50 -2.77 -7.23
N SER C 7 1.73 -1.94 -6.23
CA SER C 7 2.26 -0.59 -6.45
C SER C 7 3.32 -0.19 -5.40
N PRO C 8 4.34 0.59 -5.84
CA PRO C 8 4.47 1.02 -7.24
C PRO C 8 5.13 -0.11 -8.03
N ALA C 9 5.25 0.05 -9.34
CA ALA C 9 5.88 -0.97 -10.16
C ALA C 9 7.34 -1.21 -9.75
N THR C 10 8.03 -0.14 -9.37
CA THR C 10 9.43 -0.24 -8.97
C THR C 10 9.68 0.58 -7.73
N LEU C 11 10.54 0.05 -6.86
CA LEU C 11 10.89 0.65 -5.57
C LEU C 11 12.42 0.68 -5.43
N SER C 12 12.99 1.82 -5.05
CA SER C 12 14.45 1.91 -4.83
C SER C 12 14.71 2.03 -3.33
N VAL C 13 15.80 1.46 -2.87
CA VAL C 13 16.11 1.47 -1.45
C VAL C 13 17.61 1.34 -1.30
N THR C 14 18.17 1.93 -0.25
CA THR C 14 19.62 1.82 -0.03
C THR C 14 19.84 0.66 0.92
N PRO C 15 20.85 -0.18 0.66
CA PRO C 15 21.08 -1.32 1.57
C PRO C 15 21.09 -0.81 3.00
N GLY C 16 20.63 -1.62 3.94
CA GLY C 16 20.58 -1.19 5.33
C GLY C 16 19.23 -0.60 5.73
N ASN C 17 18.56 0.05 4.78
CA ASN C 17 17.24 0.63 5.01
C ASN C 17 16.12 -0.44 4.83
N SER C 18 14.90 -0.09 5.20
CA SER C 18 13.74 -0.99 5.12
C SER C 18 12.78 -0.60 4.01
N VAL C 19 12.09 -1.59 3.46
CA VAL C 19 11.08 -1.36 2.42
C VAL C 19 9.81 -2.15 2.77
N SER C 20 8.69 -1.75 2.19
CA SER C 20 7.42 -2.40 2.42
C SER C 20 6.70 -2.33 1.09
N ILE C 21 6.37 -3.48 0.53
CA ILE C 21 5.67 -3.61 -0.77
C ILE C 21 4.18 -3.85 -0.53
N SER C 22 3.35 -3.30 -1.41
CA SER C 22 1.91 -3.41 -1.28
C SER C 22 1.21 -4.33 -2.27
N CYS C 23 0.13 -4.96 -1.83
CA CYS C 23 -0.66 -5.84 -2.70
C CYS C 23 -2.13 -5.65 -2.33
N ARG C 24 -2.94 -5.11 -3.25
CA ARG C 24 -4.37 -4.92 -2.98
C ARG C 24 -5.25 -5.79 -3.89
N ALA C 25 -6.24 -6.46 -3.30
CA ALA C 25 -7.15 -7.32 -4.06
C ALA C 25 -8.49 -6.68 -4.40
N SER C 26 -9.04 -7.05 -5.56
CA SER C 26 -10.34 -6.58 -6.06
C SER C 26 -11.51 -7.05 -5.17
N GLN C 27 -11.25 -8.03 -4.32
CA GLN C 27 -12.26 -8.52 -3.41
C GLN C 27 -11.55 -9.27 -2.32
N SER C 28 -12.26 -9.47 -1.21
CA SER C 28 -11.71 -10.12 -0.04
C SER C 28 -11.10 -11.50 -0.21
N LEU C 29 -10.03 -11.76 0.54
CA LEU C 29 -9.32 -13.03 0.46
C LEU C 29 -9.55 -13.97 1.64
N VAL C 30 -10.53 -13.66 2.48
CA VAL C 30 -10.88 -14.53 3.61
C VAL C 30 -12.00 -15.34 3.06
N ASN C 31 -11.82 -16.65 3.03
CA ASN C 31 -12.83 -17.54 2.50
C ASN C 31 -13.87 -17.87 3.57
N GLU C 32 -14.92 -18.61 3.17
CA GLU C 32 -16.02 -19.03 4.05
C GLU C 32 -15.61 -19.30 5.51
N ASP C 33 -14.49 -20.04 5.66
CA ASP C 33 -14.00 -20.35 7.01
C ASP C 33 -13.25 -19.16 7.59
N GLY C 34 -12.50 -18.47 6.72
CA GLY C 34 -11.74 -17.34 7.15
C GLY C 34 -10.27 -17.64 7.30
N ASN C 35 -9.69 -18.37 6.33
CA ASN C 35 -8.24 -18.65 6.34
C ASN C 35 -7.77 -17.72 5.21
N THR C 36 -6.78 -16.87 5.45
CA THR C 36 -6.35 -15.96 4.38
C THR C 36 -5.23 -16.55 3.49
N TYR C 37 -5.61 -16.91 2.26
CA TYR C 37 -4.70 -17.52 1.33
C TYR C 37 -4.04 -16.53 0.40
N LEU C 38 -3.07 -15.78 0.95
CA LEU C 38 -2.27 -14.77 0.23
C LEU C 38 -0.80 -15.09 0.51
N PHE C 39 -0.08 -15.43 -0.56
CA PHE C 39 1.35 -15.82 -0.52
C PHE C 39 2.28 -14.79 -1.19
N TRP C 40 3.52 -14.70 -0.72
CA TRP C 40 4.51 -13.77 -1.29
C TRP C 40 5.71 -14.53 -1.83
N TYR C 41 6.20 -14.14 -3.00
CA TYR C 41 7.35 -14.80 -3.61
C TYR C 41 8.43 -13.81 -3.99
N GLN C 42 9.66 -14.30 -4.03
CA GLN C 42 10.79 -13.49 -4.47
C GLN C 42 11.34 -14.09 -5.76
N GLN C 43 11.50 -13.29 -6.81
CA GLN C 43 12.06 -13.80 -8.07
C GLN C 43 13.37 -13.13 -8.52
N LYS C 44 14.49 -13.83 -8.40
CA LYS C 44 15.78 -13.28 -8.83
C LYS C 44 15.97 -13.48 -10.32
N SER C 45 16.84 -12.67 -10.90
CA SER C 45 17.14 -12.75 -12.32
C SER C 45 17.46 -14.17 -12.76
N HIS C 46 16.80 -14.60 -13.83
CA HIS C 46 17.01 -15.92 -14.40
C HIS C 46 16.83 -17.07 -13.39
N GLU C 47 15.88 -16.89 -12.47
CA GLU C 47 15.58 -17.93 -11.49
C GLU C 47 14.08 -18.03 -11.43
N SER C 48 13.57 -19.10 -10.82
CA SER C 48 12.15 -19.27 -10.67
C SER C 48 11.76 -18.62 -9.35
N PRO C 49 10.47 -18.23 -9.19
CA PRO C 49 10.00 -17.62 -7.94
C PRO C 49 10.28 -18.53 -6.73
N ARG C 50 10.49 -17.94 -5.57
CA ARG C 50 10.73 -18.72 -4.37
C ARG C 50 9.73 -18.23 -3.34
N LEU C 51 8.95 -19.16 -2.82
CA LEU C 51 7.93 -18.84 -1.81
C LEU C 51 8.58 -18.29 -0.53
N LEU C 52 8.10 -17.13 -0.09
CA LEU C 52 8.63 -16.48 1.10
C LEU C 52 7.70 -16.56 2.31
N ILE C 53 6.45 -16.15 2.09
CA ILE C 53 5.46 -16.11 3.18
C ILE C 53 4.19 -16.84 2.75
N LYS C 54 3.66 -17.61 3.70
CA LYS C 54 2.46 -18.38 3.48
C LYS C 54 1.34 -17.83 4.36
N TYR C 55 0.13 -17.82 3.84
CA TYR C 55 -1.04 -17.39 4.60
C TYR C 55 -0.93 -15.95 5.21
N ALA C 56 -0.52 -15.01 4.36
CA ALA C 56 -0.39 -13.59 4.69
C ALA C 56 0.72 -13.15 5.64
N SER C 57 1.03 -13.97 6.64
CA SER C 57 2.05 -13.64 7.62
C SER C 57 2.83 -14.82 8.23
N GLN C 58 2.56 -16.03 7.75
CA GLN C 58 3.22 -17.23 8.27
C GLN C 58 4.54 -17.48 7.53
N SER C 59 5.63 -17.56 8.29
CA SER C 59 6.97 -17.78 7.74
C SER C 59 7.30 -19.20 7.33
N ILE C 60 8.21 -19.31 6.37
CA ILE C 60 8.66 -20.56 5.84
C ILE C 60 10.04 -20.78 6.43
N SER C 61 10.26 -21.99 6.90
CA SER C 61 11.54 -22.36 7.50
C SER C 61 12.67 -22.16 6.49
N GLY C 62 13.79 -21.63 6.93
CA GLY C 62 14.90 -21.39 6.04
C GLY C 62 14.90 -20.00 5.40
N ILE C 63 13.84 -19.23 5.61
CA ILE C 63 13.73 -17.87 5.08
C ILE C 63 14.19 -16.91 6.20
N PRO C 64 15.13 -15.98 5.88
CA PRO C 64 15.64 -15.03 6.88
C PRO C 64 14.53 -14.23 7.55
N SER C 65 14.74 -13.93 8.83
CA SER C 65 13.80 -13.19 9.65
C SER C 65 13.55 -11.73 9.24
N ARG C 66 14.38 -11.18 8.36
CA ARG C 66 14.18 -9.79 7.92
C ARG C 66 12.94 -9.65 7.04
N PHE C 67 12.40 -10.80 6.65
CA PHE C 67 11.19 -10.86 5.85
C PHE C 67 10.01 -11.15 6.77
N SER C 68 8.91 -10.45 6.54
CA SER C 68 7.70 -10.65 7.30
C SER C 68 6.54 -10.19 6.43
N GLY C 69 5.35 -10.71 6.71
CA GLY C 69 4.19 -10.34 5.94
C GLY C 69 3.15 -9.90 6.94
N SER C 70 2.22 -9.05 6.50
CA SER C 70 1.17 -8.52 7.34
C SER C 70 -0.04 -8.25 6.43
N GLY C 71 -1.26 -8.28 6.96
CA GLY C 71 -2.41 -7.98 6.13
C GLY C 71 -3.62 -8.87 6.28
N SER C 72 -4.76 -8.41 5.76
CA SER C 72 -6.02 -9.13 5.79
C SER C 72 -7.03 -8.45 4.85
N GLY C 73 -8.17 -9.09 4.61
CA GLY C 73 -9.18 -8.54 3.74
C GLY C 73 -8.67 -8.33 2.34
N THR C 74 -8.52 -7.06 1.94
CA THR C 74 -8.03 -6.67 0.63
C THR C 74 -6.71 -5.85 0.61
N ASP C 75 -6.01 -5.74 1.75
CA ASP C 75 -4.76 -4.94 1.85
C ASP C 75 -3.63 -5.68 2.54
N PHE C 76 -2.57 -5.98 1.79
CA PHE C 76 -1.42 -6.72 2.31
C PHE C 76 -0.07 -6.07 1.94
N THR C 77 0.98 -6.37 2.71
CA THR C 77 2.30 -5.82 2.44
C THR C 77 3.41 -6.78 2.89
N LEU C 78 4.54 -6.73 2.19
CA LEU C 78 5.70 -7.54 2.54
C LEU C 78 6.76 -6.50 2.98
N SER C 79 7.46 -6.74 4.08
CA SER C 79 8.49 -5.81 4.55
C SER C 79 9.79 -6.55 4.80
N ILE C 80 10.91 -5.93 4.40
CA ILE C 80 12.25 -6.49 4.56
C ILE C 80 13.05 -5.44 5.35
N ASN C 81 13.39 -5.71 6.60
CA ASN C 81 14.19 -4.73 7.32
C ASN C 81 15.64 -4.99 6.94
N SER C 82 16.47 -3.96 6.97
CA SER C 82 17.89 -4.10 6.63
C SER C 82 18.14 -4.80 5.27
N VAL C 83 17.62 -4.21 4.22
CA VAL C 83 17.77 -4.76 2.88
C VAL C 83 19.22 -5.07 2.47
N GLU C 84 19.49 -6.31 2.09
CA GLU C 84 20.82 -6.69 1.62
C GLU C 84 20.82 -6.48 0.10
N THR C 85 22.00 -6.37 -0.49
CA THR C 85 22.10 -6.19 -1.93
C THR C 85 21.50 -7.38 -2.65
N GLU C 86 21.63 -8.56 -2.02
CA GLU C 86 21.13 -9.83 -2.54
C GLU C 86 19.60 -9.99 -2.47
N ASP C 87 18.90 -8.97 -1.99
CA ASP C 87 17.43 -9.02 -1.93
C ASP C 87 16.91 -8.40 -3.22
N LEU C 88 17.83 -8.06 -4.13
CA LEU C 88 17.50 -7.48 -5.41
C LEU C 88 16.68 -8.52 -6.21
N ALA C 89 15.42 -8.18 -6.53
CA ALA C 89 14.53 -9.10 -7.25
C ALA C 89 13.16 -8.44 -7.50
N VAL C 90 12.24 -9.19 -8.12
CA VAL C 90 10.84 -8.75 -8.33
C VAL C 90 10.04 -9.58 -7.31
N TYR C 91 9.17 -8.93 -6.56
CA TYR C 91 8.38 -9.61 -5.54
C TYR C 91 6.94 -9.67 -6.03
N PHE C 92 6.32 -10.85 -5.91
CA PHE C 92 4.94 -11.08 -6.36
C PHE C 92 4.03 -11.54 -5.24
N CYS C 93 2.77 -11.09 -5.27
CA CYS C 93 1.79 -11.58 -4.31
C CYS C 93 0.85 -12.58 -5.09
N GLN C 94 0.29 -13.57 -4.37
CA GLN C 94 -0.62 -14.52 -5.04
C GLN C 94 -1.76 -14.95 -4.12
N GLN C 95 -2.96 -15.07 -4.69
CA GLN C 95 -4.12 -15.54 -3.95
C GLN C 95 -4.50 -16.95 -4.44
N ILE C 96 -4.73 -17.90 -3.53
CA ILE C 96 -5.16 -19.24 -3.92
C ILE C 96 -6.51 -19.50 -3.24
N THR C 97 -7.31 -18.43 -3.13
CA THR C 97 -8.61 -18.52 -2.47
C THR C 97 -9.77 -18.80 -3.45
N ASP C 98 -9.74 -18.11 -4.58
CA ASP C 98 -10.77 -18.19 -5.63
C ASP C 98 -10.11 -18.74 -6.88
N TRP C 99 -10.79 -19.62 -7.61
CA TRP C 99 -10.25 -20.20 -8.83
C TRP C 99 -10.65 -19.34 -10.04
N PRO C 100 -9.71 -19.02 -10.97
CA PRO C 100 -8.28 -19.35 -11.07
C PRO C 100 -7.42 -18.57 -10.11
N PHE C 101 -6.44 -19.26 -9.51
CA PHE C 101 -5.50 -18.62 -8.60
C PHE C 101 -4.83 -17.56 -9.44
N THR C 102 -4.65 -16.38 -8.86
CA THR C 102 -4.04 -15.26 -9.58
C THR C 102 -2.87 -14.60 -8.85
N PHE C 103 -2.02 -13.95 -9.64
CA PHE C 103 -0.82 -13.25 -9.19
C PHE C 103 -0.92 -11.74 -9.44
N GLY C 104 -0.15 -10.97 -8.67
CA GLY C 104 -0.11 -9.53 -8.88
C GLY C 104 0.96 -9.28 -9.96
N GLY C 105 0.98 -8.08 -10.54
CA GLY C 105 1.94 -7.77 -11.58
C GLY C 105 3.42 -7.67 -11.18
N GLY C 106 3.70 -7.82 -9.90
CA GLY C 106 5.07 -7.74 -9.42
C GLY C 106 5.62 -6.34 -9.12
N THR C 107 6.51 -6.24 -8.13
CA THR C 107 7.19 -4.97 -7.78
C THR C 107 8.69 -5.20 -7.84
N LYS C 108 9.35 -4.41 -8.66
CA LYS C 108 10.78 -4.50 -8.83
C LYS C 108 11.52 -3.68 -7.79
N LEU C 109 12.38 -4.34 -7.04
CA LEU C 109 13.19 -3.69 -6.00
C LEU C 109 14.57 -3.27 -6.57
N GLU C 110 14.74 -1.98 -6.85
CA GLU C 110 16.02 -1.46 -7.36
C GLU C 110 16.86 -0.93 -6.21
N ILE C 111 18.14 -1.29 -6.20
CA ILE C 111 19.07 -0.86 -5.14
C ILE C 111 19.77 0.50 -5.38
N LYS C 112 20.07 1.22 -4.31
CA LYS C 112 20.76 2.49 -4.47
C LYS C 112 22.20 2.35 -4.06
N ARG C 113 23.08 2.90 -4.90
CA ARG C 113 24.49 2.87 -4.65
C ARG C 113 25.08 4.20 -5.09
N ALA C 114 26.33 4.43 -4.71
CA ALA C 114 27.07 5.63 -5.05
C ALA C 114 27.15 5.68 -6.57
N ASP C 115 27.08 6.87 -7.14
CA ASP C 115 27.19 6.99 -8.59
C ASP C 115 28.50 6.39 -9.10
N ALA C 116 28.49 5.93 -10.36
CA ALA C 116 29.67 5.31 -10.94
C ALA C 116 29.67 5.53 -12.44
N ALA C 117 30.80 5.98 -12.97
CA ALA C 117 30.94 6.23 -14.40
C ALA C 117 31.20 4.92 -15.14
N PRO C 118 30.77 4.85 -16.40
CA PRO C 118 30.98 3.62 -17.16
C PRO C 118 32.41 3.40 -17.66
N THR C 119 32.76 2.14 -17.90
CA THR C 119 34.05 1.76 -18.47
C THR C 119 33.68 1.52 -19.95
N VAL C 120 33.99 2.49 -20.82
CA VAL C 120 33.68 2.38 -22.25
C VAL C 120 34.83 1.77 -23.03
N SER C 121 34.48 0.82 -23.91
CA SER C 121 35.45 0.13 -24.75
C SER C 121 34.85 0.08 -26.14
N ILE C 122 35.69 0.24 -27.16
CA ILE C 122 35.27 0.21 -28.55
C ILE C 122 36.03 -0.93 -29.26
N PHE C 123 35.34 -1.67 -30.14
CA PHE C 123 35.95 -2.79 -30.87
C PHE C 123 35.63 -2.71 -32.35
N PRO C 124 36.64 -2.90 -33.18
CA PRO C 124 36.44 -2.86 -34.63
C PRO C 124 36.00 -4.24 -35.16
N PRO C 125 35.43 -4.28 -36.38
CA PRO C 125 34.98 -5.53 -37.02
C PRO C 125 36.14 -6.53 -37.08
N SER C 126 35.79 -7.81 -37.05
CA SER C 126 36.73 -8.93 -37.08
C SER C 126 37.13 -9.31 -38.50
N SER C 127 38.31 -9.94 -38.65
CA SER C 127 38.81 -10.42 -39.95
C SER C 127 37.78 -11.42 -40.46
N GLU C 128 37.24 -12.17 -39.50
CA GLU C 128 36.21 -13.18 -39.68
C GLU C 128 35.03 -12.58 -40.42
N GLN C 129 34.51 -11.49 -39.87
CA GLN C 129 33.35 -10.84 -40.41
C GLN C 129 33.59 -10.02 -41.65
N LEU C 130 34.78 -9.46 -41.79
CA LEU C 130 35.09 -8.67 -42.97
C LEU C 130 35.13 -9.60 -44.19
N THR C 131 35.76 -10.75 -43.96
CA THR C 131 35.90 -11.86 -44.92
C THR C 131 34.52 -12.29 -45.51
N SER C 132 33.46 -12.16 -44.72
CA SER C 132 32.11 -12.50 -45.15
C SER C 132 31.38 -11.28 -45.73
N GLY C 133 32.07 -10.13 -45.75
CA GLY C 133 31.50 -8.91 -46.31
C GLY C 133 30.73 -8.00 -45.39
N GLY C 134 30.56 -8.39 -44.13
CA GLY C 134 29.81 -7.56 -43.18
C GLY C 134 30.74 -6.89 -42.19
N ALA C 135 30.28 -5.82 -41.55
CA ALA C 135 31.08 -5.09 -40.56
C ALA C 135 30.26 -4.49 -39.43
N SER C 136 30.50 -4.96 -38.22
CA SER C 136 29.81 -4.45 -37.03
C SER C 136 30.82 -3.87 -36.05
N VAL C 137 30.53 -2.64 -35.61
CA VAL C 137 31.36 -1.90 -34.66
C VAL C 137 30.57 -1.88 -33.35
N VAL C 138 31.11 -2.51 -32.31
CA VAL C 138 30.44 -2.59 -31.01
C VAL C 138 31.15 -1.79 -29.93
N CYS C 139 30.35 -1.29 -28.98
CA CYS C 139 30.85 -0.52 -27.85
C CYS C 139 30.17 -1.03 -26.58
N PHE C 140 30.96 -1.21 -25.52
CA PHE C 140 30.47 -1.66 -24.21
C PHE C 140 30.59 -0.52 -23.18
N LEU C 141 29.49 -0.22 -22.49
CA LEU C 141 29.46 0.80 -21.44
C LEU C 141 29.18 0.00 -20.19
N ASN C 142 30.23 -0.48 -19.54
CA ASN C 142 30.09 -1.33 -18.36
C ASN C 142 30.14 -0.66 -16.96
N ASN C 143 29.55 -1.35 -15.99
CA ASN C 143 29.50 -0.96 -14.58
C ASN C 143 29.20 0.49 -14.21
N PHE C 144 28.02 0.98 -14.60
CA PHE C 144 27.63 2.33 -14.28
C PHE C 144 26.38 2.45 -13.41
N TYR C 145 26.20 3.65 -12.86
CA TYR C 145 25.08 3.99 -12.01
C TYR C 145 25.00 5.51 -11.91
N PRO C 146 23.77 6.06 -12.02
CA PRO C 146 22.49 5.38 -12.23
C PRO C 146 22.28 4.81 -13.63
N LYS C 147 21.08 4.28 -13.84
CA LYS C 147 20.68 3.61 -15.08
C LYS C 147 20.59 4.33 -16.40
N ASP C 148 20.26 5.63 -16.41
CA ASP C 148 20.12 6.33 -17.68
C ASP C 148 21.42 6.83 -18.29
N ILE C 149 21.59 6.59 -19.60
CA ILE C 149 22.80 6.96 -20.33
C ILE C 149 22.50 7.11 -21.84
N ASN C 150 23.39 7.80 -22.56
CA ASN C 150 23.24 8.00 -23.99
C ASN C 150 24.54 7.74 -24.73
N VAL C 151 24.44 7.27 -25.97
CA VAL C 151 25.61 6.98 -26.80
C VAL C 151 25.44 7.52 -28.21
N LYS C 152 26.51 8.09 -28.75
CA LYS C 152 26.50 8.61 -30.11
C LYS C 152 27.66 8.08 -30.95
N TRP C 153 27.30 7.55 -32.11
CA TRP C 153 28.27 7.02 -33.05
C TRP C 153 28.55 8.13 -34.05
N LYS C 154 29.84 8.40 -34.27
CA LYS C 154 30.26 9.41 -35.23
C LYS C 154 31.23 8.76 -36.21
N ILE C 155 30.81 8.67 -37.47
CA ILE C 155 31.66 8.06 -38.48
C ILE C 155 32.56 9.08 -39.18
N ASP C 156 33.85 8.76 -39.17
CA ASP C 156 34.89 9.62 -39.73
C ASP C 156 34.83 10.95 -39.00
N GLY C 157 34.41 10.89 -37.75
CA GLY C 157 34.29 12.09 -36.93
C GLY C 157 33.16 12.98 -37.38
N SER C 158 32.84 12.96 -38.67
CA SER C 158 31.79 13.81 -39.20
C SER C 158 30.54 13.06 -39.64
N GLU C 159 29.81 12.50 -38.69
CA GLU C 159 28.57 11.79 -39.00
C GLU C 159 27.94 11.19 -37.75
N ARG C 160 26.65 10.89 -37.84
CA ARG C 160 25.89 10.26 -36.76
C ARG C 160 25.02 9.18 -37.42
N GLN C 161 25.62 8.03 -37.73
CA GLN C 161 24.91 6.92 -38.38
C GLN C 161 23.90 6.26 -37.45
N ASN C 162 22.72 5.94 -37.98
CA ASN C 162 21.65 5.33 -37.19
C ASN C 162 21.42 3.84 -37.40
N GLY C 163 22.36 3.15 -38.04
CA GLY C 163 22.22 1.71 -38.24
C GLY C 163 22.81 1.10 -36.98
N VAL C 164 22.16 1.30 -35.85
CA VAL C 164 22.66 0.83 -34.56
C VAL C 164 21.59 0.09 -33.72
N LEU C 165 22.05 -0.86 -32.88
CA LEU C 165 21.18 -1.64 -31.98
C LEU C 165 21.75 -1.62 -30.55
N ASN C 166 20.90 -1.33 -29.57
CA ASN C 166 21.34 -1.26 -28.17
C ASN C 166 20.72 -2.32 -27.25
N SER C 167 21.46 -2.72 -26.23
CA SER C 167 21.02 -3.72 -25.27
C SER C 167 21.51 -3.29 -23.89
N TRP C 168 20.65 -3.38 -22.89
CA TRP C 168 21.00 -2.99 -21.52
C TRP C 168 20.78 -4.18 -20.57
N THR C 169 21.65 -4.34 -19.58
CA THR C 169 21.50 -5.42 -18.60
C THR C 169 20.59 -4.97 -17.45
N ASP C 170 20.24 -5.92 -16.59
CA ASP C 170 19.44 -5.65 -15.39
C ASP C 170 20.49 -5.32 -14.31
N GLN C 171 20.08 -4.60 -13.26
CA GLN C 171 20.99 -4.25 -12.20
C GLN C 171 21.68 -5.48 -11.62
N ASP C 172 23.00 -5.41 -11.49
CA ASP C 172 23.82 -6.50 -10.97
C ASP C 172 23.52 -6.70 -9.48
N SER C 173 23.37 -7.96 -9.06
CA SER C 173 23.09 -8.33 -7.69
C SER C 173 24.29 -8.26 -6.74
N LYS C 174 25.48 -8.29 -7.33
CA LYS C 174 26.71 -8.18 -6.55
C LYS C 174 27.18 -6.73 -6.35
N ASP C 175 27.09 -5.91 -7.39
CA ASP C 175 27.54 -4.52 -7.30
C ASP C 175 26.52 -3.43 -7.57
N SER C 176 25.28 -3.80 -7.86
CA SER C 176 24.19 -2.85 -8.10
C SER C 176 24.35 -1.91 -9.30
N THR C 177 25.20 -2.26 -10.25
CA THR C 177 25.40 -1.39 -11.43
C THR C 177 24.65 -1.94 -12.63
N TYR C 178 24.66 -1.18 -13.72
CA TYR C 178 24.03 -1.56 -14.97
C TYR C 178 25.12 -1.59 -16.06
N SER C 179 24.82 -2.16 -17.22
CA SER C 179 25.77 -2.21 -18.33
C SER C 179 24.97 -2.12 -19.63
N MET C 180 25.56 -1.52 -20.66
CA MET C 180 24.88 -1.35 -21.94
C MET C 180 25.79 -1.62 -23.15
N SER C 181 25.27 -2.32 -24.15
CA SER C 181 25.98 -2.64 -25.38
C SER C 181 25.42 -1.83 -26.54
N SER C 182 26.28 -1.49 -27.50
CA SER C 182 25.88 -0.73 -28.68
C SER C 182 26.58 -1.35 -29.88
N THR C 183 25.86 -1.47 -30.99
CA THR C 183 26.42 -2.10 -32.18
C THR C 183 25.99 -1.40 -33.47
N LEU C 184 26.95 -0.79 -34.14
CA LEU C 184 26.69 -0.12 -35.40
C LEU C 184 27.11 -1.14 -36.42
N THR C 185 26.13 -1.61 -37.17
CA THR C 185 26.32 -2.63 -38.21
C THR C 185 26.31 -1.91 -39.56
N LEU C 186 27.26 -2.25 -40.42
CA LEU C 186 27.36 -1.64 -41.73
C LEU C 186 27.94 -2.61 -42.77
N THR C 187 28.16 -2.10 -44.00
CA THR C 187 28.73 -2.87 -45.10
C THR C 187 30.26 -2.80 -45.07
N LYS C 188 30.90 -3.84 -45.58
CA LYS C 188 32.37 -3.87 -45.64
C LYS C 188 32.77 -2.62 -46.44
N ASP C 189 31.95 -2.30 -47.44
CA ASP C 189 32.16 -1.17 -48.30
C ASP C 189 32.12 0.21 -47.60
N GLU C 190 31.06 0.43 -46.79
CA GLU C 190 30.95 1.72 -46.17
C GLU C 190 31.92 1.85 -45.03
N TYR C 191 32.24 0.70 -44.44
CA TYR C 191 33.25 0.64 -43.36
C TYR C 191 34.60 1.02 -44.03
N GLU C 192 34.88 0.40 -45.18
CA GLU C 192 36.10 0.67 -45.93
C GLU C 192 36.01 1.92 -46.80
N ARG C 193 35.02 2.76 -46.51
CA ARG C 193 34.83 3.99 -47.26
C ARG C 193 35.05 5.13 -46.28
N HIS C 194 35.67 4.84 -45.14
CA HIS C 194 35.95 5.82 -44.08
C HIS C 194 37.16 5.31 -43.31
N ASN C 195 37.29 5.65 -42.02
CA ASN C 195 38.42 5.17 -41.23
C ASN C 195 38.41 5.46 -39.72
N SER C 196 37.78 6.57 -39.31
CA SER C 196 37.72 6.91 -37.90
C SER C 196 36.34 6.59 -37.30
N TYR C 197 36.32 5.80 -36.24
CA TYR C 197 35.06 5.41 -35.61
C TYR C 197 34.93 5.88 -34.17
N THR C 198 33.86 6.62 -33.92
CA THR C 198 33.59 7.22 -32.61
C THR C 198 32.36 6.75 -31.84
N CYS C 199 32.58 6.44 -30.57
CA CYS C 199 31.54 6.01 -29.64
C CYS C 199 31.58 7.05 -28.50
N GLU C 200 30.46 7.70 -28.22
CA GLU C 200 30.44 8.72 -27.17
C GLU C 200 29.40 8.53 -26.06
N ALA C 201 29.89 8.20 -24.87
CA ALA C 201 29.04 7.98 -23.70
C ALA C 201 28.80 9.26 -22.92
N THR C 202 27.52 9.59 -22.71
CA THR C 202 27.14 10.78 -21.95
C THR C 202 26.35 10.31 -20.71
N HIS C 203 26.92 10.49 -19.52
CA HIS C 203 26.29 10.04 -18.28
C HIS C 203 26.13 11.18 -17.27
N LYS C 204 25.37 10.93 -16.20
CA LYS C 204 25.12 11.89 -15.12
C LYS C 204 26.42 12.31 -14.43
N THR C 205 27.36 11.39 -14.36
CA THR C 205 28.62 11.63 -13.68
C THR C 205 29.58 12.58 -14.42
N SER C 206 29.24 12.96 -15.64
CA SER C 206 30.12 13.81 -16.44
C SER C 206 29.45 14.90 -17.25
N THR C 207 30.06 16.09 -17.25
CA THR C 207 29.57 17.21 -18.04
C THR C 207 30.15 16.90 -19.42
N SER C 208 31.32 16.25 -19.37
CA SER C 208 32.10 15.87 -20.52
C SER C 208 31.95 14.38 -20.88
N PRO C 209 31.47 14.10 -22.10
CA PRO C 209 31.26 12.74 -22.60
C PRO C 209 32.59 11.98 -22.68
N ILE C 210 32.56 10.68 -22.39
CA ILE C 210 33.75 9.84 -22.49
C ILE C 210 33.74 9.36 -23.93
N VAL C 211 34.70 9.78 -24.74
CA VAL C 211 34.73 9.35 -26.13
C VAL C 211 35.81 8.29 -26.36
N LYS C 212 35.49 7.26 -27.13
CA LYS C 212 36.41 6.18 -27.48
C LYS C 212 36.34 6.05 -28.98
N SER C 213 37.49 5.91 -29.64
CA SER C 213 37.52 5.81 -31.11
C SER C 213 38.66 4.96 -31.62
N PHE C 214 38.58 4.60 -32.89
CA PHE C 214 39.64 3.82 -33.51
C PHE C 214 39.76 4.30 -34.95
N ASN C 215 40.91 4.02 -35.55
CA ASN C 215 41.19 4.42 -36.93
C ASN C 215 41.58 3.16 -37.67
N ARG C 216 40.92 2.92 -38.81
CA ARG C 216 41.20 1.75 -39.62
C ARG C 216 42.65 1.76 -40.06
N ASN C 217 43.11 2.94 -40.50
CA ASN C 217 44.49 3.14 -40.95
C ASN C 217 45.44 3.26 -39.76
N GLU C 218 45.46 2.23 -38.91
CA GLU C 218 46.32 2.24 -37.73
C GLU C 218 46.51 0.82 -37.19
N GLU D 1 15.61 -31.82 -1.02
CA GLU D 1 15.04 -33.15 -1.42
C GLU D 1 14.27 -33.00 -2.71
N VAL D 2 12.93 -33.11 -2.65
CA VAL D 2 12.06 -32.98 -3.83
C VAL D 2 12.58 -31.97 -4.83
N LYS D 3 13.03 -32.46 -5.97
CA LYS D 3 13.49 -31.58 -7.02
C LYS D 3 12.65 -31.80 -8.28
N LEU D 4 12.41 -30.73 -9.02
CA LEU D 4 11.59 -30.78 -10.23
C LEU D 4 12.40 -30.31 -11.43
N GLN D 5 12.04 -30.77 -12.63
CA GLN D 5 12.76 -30.38 -13.83
C GLN D 5 11.96 -30.55 -15.13
N GLU D 6 11.74 -29.42 -15.82
CA GLU D 6 10.98 -29.42 -17.07
C GLU D 6 11.78 -29.69 -18.35
N SER D 7 11.12 -30.32 -19.32
CA SER D 7 11.73 -30.66 -20.61
C SER D 7 10.72 -30.51 -21.74
N GLY D 8 11.24 -30.24 -22.95
CA GLY D 8 10.39 -30.06 -24.11
C GLY D 8 11.05 -29.14 -25.14
N PRO D 9 10.35 -28.77 -26.22
CA PRO D 9 10.89 -27.88 -27.26
C PRO D 9 10.96 -26.38 -26.95
N SER D 10 11.87 -25.69 -27.62
CA SER D 10 12.05 -24.26 -27.47
C SER D 10 11.27 -23.59 -28.58
N LEU D 11 10.81 -24.37 -29.56
CA LEU D 11 10.10 -23.77 -30.71
C LEU D 11 9.01 -24.67 -31.27
N VAL D 12 7.83 -24.10 -31.53
CA VAL D 12 6.69 -24.83 -32.09
C VAL D 12 5.94 -23.88 -33.01
N LYS D 13 5.54 -24.35 -34.19
CA LYS D 13 4.81 -23.53 -35.16
C LYS D 13 3.39 -23.21 -34.76
N PRO D 14 2.88 -22.07 -35.23
CA PRO D 14 1.50 -21.73 -34.88
C PRO D 14 0.66 -22.94 -35.33
N SER D 15 -0.43 -23.24 -34.62
CA SER D 15 -1.35 -24.35 -34.92
C SER D 15 -0.95 -25.73 -34.37
N GLN D 16 0.33 -25.92 -34.11
CA GLN D 16 0.81 -27.18 -33.55
C GLN D 16 0.44 -27.25 -32.07
N THR D 17 0.81 -28.35 -31.42
CA THR D 17 0.53 -28.54 -30.00
C THR D 17 1.85 -28.57 -29.24
N LEU D 18 1.91 -27.80 -28.17
CA LEU D 18 3.10 -27.74 -27.32
C LEU D 18 2.99 -28.84 -26.25
N SER D 19 4.04 -29.66 -26.10
CA SER D 19 4.03 -30.72 -25.11
C SER D 19 5.27 -30.59 -24.23
N LEU D 20 5.09 -30.51 -22.91
CA LEU D 20 6.21 -30.38 -22.00
C LEU D 20 6.14 -31.43 -20.90
N THR D 21 7.28 -31.74 -20.29
CA THR D 21 7.35 -32.75 -19.26
C THR D 21 8.04 -32.21 -17.99
N CYS D 22 7.55 -32.63 -16.83
CA CYS D 22 8.13 -32.26 -15.55
C CYS D 22 8.56 -33.55 -14.84
N SER D 23 9.85 -33.71 -14.60
CA SER D 23 10.39 -34.90 -13.92
C SER D 23 10.61 -34.61 -12.44
N VAL D 24 9.92 -35.36 -11.57
CA VAL D 24 10.01 -35.17 -10.12
C VAL D 24 10.81 -36.26 -9.42
N THR D 25 11.77 -35.87 -8.59
CA THR D 25 12.60 -36.84 -7.87
C THR D 25 12.48 -36.61 -6.37
N GLY D 26 12.77 -37.63 -5.58
CA GLY D 26 12.68 -37.52 -4.14
C GLY D 26 11.42 -38.21 -3.60
N ASP D 27 10.30 -37.49 -3.66
CA ASP D 27 9.04 -38.05 -3.18
C ASP D 27 8.14 -38.36 -4.35
N SER D 28 7.11 -39.17 -4.05
CA SER D 28 6.11 -39.61 -5.02
C SER D 28 5.17 -38.45 -5.40
N ILE D 29 4.84 -38.34 -6.68
CA ILE D 29 3.94 -37.29 -7.11
C ILE D 29 2.55 -37.54 -6.54
N THR D 30 2.30 -38.77 -6.11
CA THR D 30 1.02 -39.13 -5.54
C THR D 30 0.83 -38.60 -4.12
N SER D 31 1.71 -37.72 -3.67
CA SER D 31 1.61 -37.14 -2.33
C SER D 31 1.24 -35.65 -2.30
N ASP D 32 0.88 -35.07 -3.44
CA ASP D 32 0.56 -33.66 -3.50
C ASP D 32 -0.08 -33.43 -4.86
N PHE D 33 -0.58 -32.21 -5.10
CA PHE D 33 -1.18 -31.81 -6.39
C PHE D 33 -0.09 -31.06 -7.16
N TRP D 34 -0.11 -31.11 -8.50
CA TRP D 34 0.96 -30.47 -9.28
C TRP D 34 0.46 -29.57 -10.38
N SER D 35 1.15 -28.44 -10.59
CA SER D 35 0.76 -27.44 -11.59
C SER D 35 1.78 -27.03 -12.65
N TRP D 36 1.30 -26.17 -13.54
CA TRP D 36 2.04 -25.52 -14.62
C TRP D 36 1.68 -24.01 -14.49
N ILE D 37 2.70 -23.15 -14.49
CA ILE D 37 2.57 -21.68 -14.36
C ILE D 37 3.46 -21.05 -15.45
N ARG D 38 2.94 -20.12 -16.23
CA ARG D 38 3.76 -19.52 -17.28
C ARG D 38 3.95 -18.01 -17.11
N GLN D 39 5.13 -17.53 -17.52
CA GLN D 39 5.51 -16.11 -17.40
C GLN D 39 5.72 -15.40 -18.72
N PHE D 40 5.06 -14.26 -18.89
CA PHE D 40 5.17 -13.50 -20.13
C PHE D 40 6.15 -12.31 -20.07
N PRO D 41 6.52 -11.79 -21.26
CA PRO D 41 7.43 -10.64 -21.29
C PRO D 41 6.70 -9.53 -20.48
N GLY D 42 7.43 -8.83 -19.62
CA GLY D 42 6.80 -7.81 -18.81
C GLY D 42 6.48 -8.39 -17.45
N ASN D 43 6.86 -9.66 -17.23
CA ASN D 43 6.68 -10.36 -15.95
C ASN D 43 5.38 -11.05 -15.56
N ARG D 44 4.27 -10.79 -16.27
CA ARG D 44 3.01 -11.42 -15.86
C ARG D 44 3.02 -12.94 -15.83
N LEU D 45 2.57 -13.49 -14.70
CA LEU D 45 2.51 -14.93 -14.44
C LEU D 45 1.06 -15.43 -14.54
N GLU D 46 0.84 -16.54 -15.26
CA GLU D 46 -0.50 -17.11 -15.40
C GLU D 46 -0.56 -18.55 -14.82
N TYR D 47 -1.45 -18.80 -13.86
CA TYR D 47 -1.57 -20.16 -13.29
C TYR D 47 -2.49 -20.95 -14.26
N MET D 48 -1.86 -21.86 -15.01
CA MET D 48 -2.54 -22.67 -16.03
C MET D 48 -3.52 -23.72 -15.50
N GLY D 49 -3.15 -24.46 -14.47
CA GLY D 49 -4.05 -25.44 -13.90
C GLY D 49 -3.28 -26.44 -13.06
N PHE D 50 -3.97 -27.37 -12.41
CA PHE D 50 -3.27 -28.38 -11.61
C PHE D 50 -3.97 -29.73 -11.72
N VAL D 51 -3.28 -30.81 -11.34
CA VAL D 51 -3.82 -32.19 -11.36
C VAL D 51 -3.69 -32.86 -9.99
N GLN D 52 -4.78 -33.50 -9.56
CA GLN D 52 -4.83 -34.18 -8.28
C GLN D 52 -4.38 -35.63 -8.44
N TYR D 53 -4.10 -36.32 -7.34
CA TYR D 53 -3.63 -37.69 -7.49
C TYR D 53 -4.67 -38.75 -7.89
N SER D 54 -5.80 -38.29 -8.41
CA SER D 54 -6.87 -39.15 -8.88
C SER D 54 -6.99 -38.89 -10.39
N GLY D 55 -6.20 -37.94 -10.90
CA GLY D 55 -6.27 -37.58 -12.30
C GLY D 55 -7.22 -36.40 -12.51
N GLU D 56 -7.94 -36.03 -11.46
CA GLU D 56 -8.87 -34.91 -11.57
C GLU D 56 -8.05 -33.62 -11.75
N THR D 57 -8.49 -32.75 -12.65
CA THR D 57 -7.78 -31.52 -12.93
C THR D 57 -8.63 -30.28 -12.67
N ALA D 58 -7.97 -29.12 -12.71
CA ALA D 58 -8.60 -27.82 -12.54
C ALA D 58 -7.90 -26.93 -13.57
N TYR D 59 -8.63 -26.45 -14.56
CA TYR D 59 -8.10 -25.61 -15.64
C TYR D 59 -8.53 -24.16 -15.61
N ASN D 60 -7.60 -23.28 -15.92
CA ASN D 60 -7.88 -21.86 -15.99
C ASN D 60 -8.97 -21.73 -17.07
N PRO D 61 -10.07 -21.03 -16.76
CA PRO D 61 -11.20 -20.80 -17.67
C PRO D 61 -10.87 -20.33 -19.09
N SER D 62 -9.82 -19.52 -19.21
CA SER D 62 -9.39 -19.00 -20.50
C SER D 62 -8.83 -20.09 -21.42
N LEU D 63 -8.25 -21.10 -20.81
CA LEU D 63 -7.63 -22.21 -21.53
C LEU D 63 -8.46 -23.50 -21.68
N LYS D 64 -9.57 -23.58 -20.97
CA LYS D 64 -10.41 -24.78 -20.98
C LYS D 64 -10.85 -25.24 -22.37
N SER D 65 -10.58 -26.53 -22.65
CA SER D 65 -10.84 -27.25 -23.91
C SER D 65 -9.65 -27.21 -24.86
N ARG D 66 -8.54 -26.63 -24.39
CA ARG D 66 -7.31 -26.48 -25.16
C ARG D 66 -6.09 -26.94 -24.35
N ILE D 67 -6.32 -27.36 -23.11
CA ILE D 67 -5.21 -27.80 -22.26
C ILE D 67 -5.48 -29.17 -21.61
N SER D 68 -4.44 -29.96 -21.42
CA SER D 68 -4.53 -31.26 -20.81
C SER D 68 -3.35 -31.50 -19.87
N ILE D 69 -3.64 -31.85 -18.61
CA ILE D 69 -2.62 -32.17 -17.60
C ILE D 69 -2.85 -33.63 -17.13
N THR D 70 -1.88 -34.52 -17.41
CA THR D 70 -1.93 -35.94 -17.10
C THR D 70 -0.62 -36.36 -16.40
N ARG D 71 -0.51 -37.62 -15.99
CA ARG D 71 0.68 -38.12 -15.27
C ARG D 71 1.14 -39.55 -15.62
N ASP D 72 2.20 -39.97 -14.96
CA ASP D 72 2.83 -41.30 -15.11
C ASP D 72 3.65 -41.52 -13.84
N THR D 73 2.97 -42.09 -12.84
CA THR D 73 3.55 -42.37 -11.54
C THR D 73 4.78 -43.26 -11.57
N SER D 74 4.84 -44.18 -12.52
CA SER D 74 6.00 -45.07 -12.63
C SER D 74 7.26 -44.27 -12.86
N LYS D 75 7.17 -43.28 -13.74
CA LYS D 75 8.31 -42.44 -14.05
C LYS D 75 8.38 -41.27 -13.08
N ASN D 76 7.31 -41.07 -12.33
CA ASN D 76 7.23 -39.97 -11.39
C ASN D 76 7.33 -38.66 -12.21
N GLN D 77 6.53 -38.58 -13.29
CA GLN D 77 6.52 -37.42 -14.17
C GLN D 77 5.09 -36.96 -14.38
N TYR D 78 4.92 -35.77 -14.95
CA TYR D 78 3.60 -35.23 -15.29
C TYR D 78 3.76 -34.32 -16.52
N TYR D 79 2.68 -34.11 -17.26
CA TYR D 79 2.75 -33.42 -18.55
C TYR D 79 1.81 -32.26 -18.85
N LEU D 80 2.16 -31.49 -19.88
CA LEU D 80 1.34 -30.38 -20.35
C LEU D 80 1.22 -30.51 -21.86
N ASP D 81 -0.01 -30.44 -22.35
CA ASP D 81 -0.30 -30.48 -23.78
C ASP D 81 -1.23 -29.33 -24.05
N LEU D 82 -0.79 -28.40 -24.88
CA LEU D 82 -1.57 -27.21 -25.19
C LEU D 82 -1.69 -27.12 -26.70
N ASN D 83 -2.92 -27.20 -27.21
CA ASN D 83 -3.09 -27.19 -28.64
C ASN D 83 -3.44 -25.88 -29.30
N SER D 84 -3.25 -25.84 -30.61
CA SER D 84 -3.53 -24.67 -31.45
C SER D 84 -2.79 -23.43 -30.98
N VAL D 85 -1.47 -23.58 -30.77
CA VAL D 85 -0.65 -22.48 -30.29
C VAL D 85 -0.49 -21.32 -31.27
N THR D 86 -0.45 -20.10 -30.74
CA THR D 86 -0.23 -18.90 -31.54
C THR D 86 0.94 -18.13 -30.89
N THR D 87 1.24 -16.97 -31.45
CA THR D 87 2.32 -16.17 -30.93
C THR D 87 2.07 -15.77 -29.48
N GLU D 88 0.79 -15.72 -29.12
CA GLU D 88 0.38 -15.34 -27.77
C GLU D 88 0.77 -16.37 -26.72
N ASP D 89 1.30 -17.51 -27.16
CA ASP D 89 1.68 -18.57 -26.26
C ASP D 89 3.19 -18.60 -25.95
N THR D 90 3.91 -17.69 -26.59
CA THR D 90 5.33 -17.58 -26.37
C THR D 90 5.55 -17.14 -24.89
N ALA D 91 6.26 -17.94 -24.10
CA ALA D 91 6.48 -17.61 -22.69
C ALA D 91 7.49 -18.56 -22.06
N VAL D 92 7.81 -18.35 -20.79
CA VAL D 92 8.70 -19.26 -20.06
C VAL D 92 7.75 -20.11 -19.22
N TYR D 93 7.89 -21.44 -19.33
CA TYR D 93 7.05 -22.44 -18.64
C TYR D 93 7.69 -23.14 -17.44
N TYR D 94 7.03 -23.06 -16.29
CA TYR D 94 7.50 -23.67 -15.04
C TYR D 94 6.52 -24.78 -14.59
N CYS D 95 7.02 -25.72 -13.79
CA CYS D 95 6.20 -26.76 -13.21
C CYS D 95 6.51 -26.59 -11.72
N ALA D 96 5.50 -26.72 -10.88
CA ALA D 96 5.67 -26.56 -9.44
C ALA D 96 4.53 -27.27 -8.74
N ASN D 97 4.69 -27.62 -7.48
CA ASN D 97 3.57 -28.25 -6.77
C ASN D 97 2.51 -27.14 -6.71
N TRP D 98 1.23 -27.51 -6.58
CA TRP D 98 0.15 -26.52 -6.59
C TRP D 98 0.27 -25.32 -5.63
N HIS D 99 1.01 -25.50 -4.52
CA HIS D 99 1.21 -24.42 -3.55
C HIS D 99 2.46 -23.57 -3.73
N GLY D 100 3.31 -23.90 -4.69
CA GLY D 100 4.47 -23.08 -4.93
C GLY D 100 5.64 -23.29 -3.98
N ASP D 101 5.63 -24.43 -3.28
CA ASP D 101 6.66 -24.78 -2.32
C ASP D 101 7.87 -25.24 -3.10
N TYR D 102 7.65 -25.78 -4.30
CA TYR D 102 8.71 -26.34 -5.15
C TYR D 102 8.48 -25.95 -6.59
N TRP D 103 9.54 -25.49 -7.25
CA TRP D 103 9.48 -25.03 -8.62
C TRP D 103 10.61 -25.67 -9.41
N GLY D 104 10.41 -25.75 -10.71
CA GLY D 104 11.48 -26.28 -11.54
C GLY D 104 12.29 -25.05 -11.92
N GLN D 105 13.15 -25.23 -12.92
CA GLN D 105 14.03 -24.18 -13.43
C GLN D 105 13.42 -23.26 -14.50
N GLY D 106 12.33 -23.70 -15.12
CA GLY D 106 11.69 -22.94 -16.17
C GLY D 106 12.28 -23.25 -17.54
N THR D 107 11.44 -23.29 -18.58
CA THR D 107 11.92 -23.57 -19.94
C THR D 107 11.26 -22.59 -20.93
N THR D 108 12.11 -21.94 -21.76
CA THR D 108 11.69 -20.94 -22.75
C THR D 108 11.07 -21.57 -23.98
N VAL D 109 9.86 -21.15 -24.33
CA VAL D 109 9.17 -21.66 -25.51
C VAL D 109 8.74 -20.53 -26.45
N THR D 110 9.17 -20.63 -27.71
CA THR D 110 8.82 -19.66 -28.77
C THR D 110 7.84 -20.31 -29.76
N VAL D 111 6.74 -19.65 -30.07
CA VAL D 111 5.81 -20.17 -31.05
C VAL D 111 5.98 -19.32 -32.30
N SER D 112 6.57 -19.89 -33.34
CA SER D 112 6.83 -19.15 -34.56
C SER D 112 7.05 -20.04 -35.79
N SER D 113 6.92 -19.39 -36.94
CA SER D 113 7.10 -19.97 -38.28
C SER D 113 8.49 -19.68 -38.89
N ALA D 114 9.21 -18.72 -38.28
CA ALA D 114 10.55 -18.36 -38.72
C ALA D 114 11.49 -19.58 -38.59
N LYS D 115 12.54 -19.59 -39.39
CA LYS D 115 13.49 -20.71 -39.44
C LYS D 115 14.68 -20.78 -38.48
N THR D 116 14.87 -21.93 -37.85
CA THR D 116 16.01 -22.15 -36.97
C THR D 116 17.29 -21.86 -37.76
N THR D 117 18.19 -21.06 -37.18
CA THR D 117 19.44 -20.71 -37.83
C THR D 117 20.54 -20.72 -36.79
N PRO D 118 21.71 -21.30 -37.11
CA PRO D 118 22.78 -21.32 -36.12
C PRO D 118 23.42 -19.92 -36.13
N PRO D 119 24.17 -19.58 -35.07
CA PRO D 119 24.80 -18.26 -35.02
C PRO D 119 26.21 -18.23 -35.61
N SER D 120 26.63 -17.01 -35.95
CA SER D 120 27.98 -16.72 -36.45
C SER D 120 28.65 -16.09 -35.22
N VAL D 121 29.78 -16.63 -34.81
CA VAL D 121 30.50 -16.18 -33.62
C VAL D 121 31.76 -15.37 -34.00
N TYR D 122 31.80 -14.10 -33.59
CA TYR D 122 32.91 -13.20 -33.90
C TYR D 122 33.64 -12.68 -32.66
N PRO D 123 34.99 -12.68 -32.69
CA PRO D 123 35.71 -12.19 -31.52
C PRO D 123 35.67 -10.67 -31.45
N LEU D 124 35.75 -10.14 -30.23
CA LEU D 124 35.77 -8.70 -29.98
C LEU D 124 37.08 -8.40 -29.25
N ALA D 125 38.06 -7.91 -30.00
CA ALA D 125 39.36 -7.61 -29.43
C ALA D 125 39.66 -6.12 -29.64
N PRO D 126 40.54 -5.57 -28.79
CA PRO D 126 40.97 -4.17 -28.80
C PRO D 126 41.85 -3.91 -30.01
N GLY D 127 41.87 -2.66 -30.46
CA GLY D 127 42.70 -2.29 -31.60
C GLY D 127 44.12 -2.16 -31.05
N SER D 128 45.13 -2.09 -31.92
CA SER D 128 46.51 -1.96 -31.43
C SER D 128 46.68 -0.73 -30.52
N ALA D 129 46.44 -0.96 -29.23
CA ALA D 129 46.52 0.06 -28.17
C ALA D 129 47.64 -0.26 -27.17
N ALA D 130 47.57 0.35 -25.99
CA ALA D 130 48.63 0.14 -25.00
C ALA D 130 48.29 -0.70 -23.76
N GLN D 131 49.27 -1.54 -23.37
CA GLN D 131 49.20 -2.45 -22.22
C GLN D 131 49.15 -1.69 -20.91
N THR D 132 49.35 -0.38 -21.00
CA THR D 132 49.37 0.52 -19.85
C THR D 132 48.32 0.21 -18.79
N ASN D 133 47.15 -0.19 -19.26
CA ASN D 133 46.05 -0.49 -18.37
C ASN D 133 46.12 -1.83 -17.65
N SER D 134 45.80 -1.79 -16.38
CA SER D 134 45.79 -2.92 -15.45
C SER D 134 44.88 -4.10 -15.89
N MET D 135 43.77 -3.77 -16.55
CA MET D 135 42.78 -4.75 -17.02
C MET D 135 42.49 -4.56 -18.50
N VAL D 136 42.01 -5.65 -19.11
CA VAL D 136 41.65 -5.68 -20.52
C VAL D 136 40.25 -6.26 -20.67
N THR D 137 39.41 -5.61 -21.48
CA THR D 137 38.06 -6.08 -21.73
C THR D 137 37.98 -6.70 -23.15
N LEU D 138 37.50 -7.94 -23.22
CA LEU D 138 37.37 -8.68 -24.49
C LEU D 138 35.91 -9.10 -24.67
N GLY D 139 35.55 -9.70 -25.79
CA GLY D 139 34.18 -10.13 -25.99
C GLY D 139 33.94 -11.08 -27.14
N CYS D 140 32.69 -11.47 -27.34
CA CYS D 140 32.29 -12.36 -28.44
C CYS D 140 30.94 -11.87 -28.93
N LEU D 141 30.80 -11.75 -30.23
CA LEU D 141 29.56 -11.32 -30.86
C LEU D 141 28.84 -12.54 -31.53
N VAL D 142 27.71 -12.92 -30.93
CA VAL D 142 26.89 -14.05 -31.39
C VAL D 142 25.75 -13.48 -32.21
N LYS D 143 25.89 -13.61 -33.52
CA LYS D 143 24.99 -13.02 -34.51
C LYS D 143 24.21 -13.95 -35.46
N GLY D 144 23.00 -13.53 -35.84
CA GLY D 144 22.16 -14.26 -36.79
C GLY D 144 21.67 -15.68 -36.49
N TYR D 145 21.13 -15.89 -35.30
CA TYR D 145 20.62 -17.20 -34.95
C TYR D 145 19.12 -17.09 -34.69
N PHE D 146 18.50 -18.23 -34.46
CA PHE D 146 17.09 -18.34 -34.13
C PHE D 146 16.80 -19.80 -33.80
N PRO D 147 16.04 -20.06 -32.71
CA PRO D 147 15.50 -19.02 -31.84
C PRO D 147 16.37 -18.93 -30.59
N GLU D 148 15.79 -18.40 -29.52
CA GLU D 148 16.45 -18.29 -28.23
C GLU D 148 16.27 -19.68 -27.62
N PRO D 149 17.18 -20.10 -26.73
CA PRO D 149 18.35 -19.35 -26.26
C PRO D 149 19.70 -19.82 -26.82
N VAL D 150 20.74 -19.21 -26.27
CA VAL D 150 22.12 -19.54 -26.57
C VAL D 150 22.77 -19.29 -25.24
N THR D 151 23.84 -20.01 -24.94
CA THR D 151 24.54 -19.77 -23.71
C THR D 151 25.99 -19.42 -24.07
N VAL D 152 26.58 -18.49 -23.33
CA VAL D 152 27.96 -18.06 -23.57
C VAL D 152 28.72 -18.23 -22.27
N THR D 153 29.85 -18.90 -22.31
CA THR D 153 30.63 -19.16 -21.13
C THR D 153 32.06 -18.74 -21.52
N TRP D 154 32.95 -18.56 -20.55
CA TRP D 154 34.35 -18.16 -20.82
C TRP D 154 35.33 -19.10 -20.12
N ASN D 155 36.20 -19.73 -20.89
CA ASN D 155 37.20 -20.67 -20.36
C ASN D 155 36.58 -21.84 -19.58
N SER D 156 35.41 -22.28 -20.03
CA SER D 156 34.68 -23.40 -19.43
C SER D 156 34.16 -23.15 -18.02
N GLY D 157 33.62 -21.95 -17.81
CA GLY D 157 33.08 -21.64 -16.51
C GLY D 157 34.13 -21.19 -15.50
N SER D 158 35.40 -21.17 -15.90
CA SER D 158 36.51 -20.72 -15.04
C SER D 158 36.64 -19.20 -15.02
N LEU D 159 36.07 -18.55 -16.03
CA LEU D 159 36.04 -17.11 -16.11
C LEU D 159 34.57 -16.74 -15.96
N SER D 160 34.17 -16.43 -14.74
CA SER D 160 32.78 -16.04 -14.44
C SER D 160 32.72 -14.64 -13.82
N SER D 161 33.69 -14.35 -12.94
CA SER D 161 33.81 -13.08 -12.19
C SER D 161 33.65 -11.74 -12.94
N GLY D 162 34.20 -11.64 -14.15
CA GLY D 162 34.10 -10.38 -14.87
C GLY D 162 33.30 -10.44 -16.15
N VAL D 163 32.29 -11.31 -16.17
CA VAL D 163 31.44 -11.50 -17.34
C VAL D 163 30.11 -10.74 -17.31
N HIS D 164 29.72 -10.18 -18.46
CA HIS D 164 28.44 -9.46 -18.64
C HIS D 164 27.90 -9.95 -20.00
N THR D 165 26.89 -10.82 -20.01
CA THR D 165 26.31 -11.28 -21.29
C THR D 165 25.03 -10.46 -21.47
N PHE D 166 24.95 -9.68 -22.54
CA PHE D 166 23.81 -8.81 -22.79
C PHE D 166 22.60 -9.48 -23.43
N PRO D 167 21.40 -8.96 -23.12
CA PRO D 167 20.15 -9.47 -23.66
C PRO D 167 20.21 -9.46 -25.19
N ALA D 168 19.61 -10.47 -25.81
CA ALA D 168 19.61 -10.56 -27.27
C ALA D 168 18.60 -9.59 -27.83
N VAL D 169 18.86 -9.14 -29.06
CA VAL D 169 17.95 -8.23 -29.73
C VAL D 169 17.60 -8.88 -31.07
N LEU D 170 16.31 -8.92 -31.36
CA LEU D 170 15.82 -9.57 -32.56
C LEU D 170 15.44 -8.58 -33.63
N GLN D 171 15.75 -8.93 -34.87
CA GLN D 171 15.40 -8.10 -36.01
C GLN D 171 15.37 -9.02 -37.20
N SER D 172 14.36 -8.88 -38.05
CA SER D 172 14.22 -9.71 -39.24
C SER D 172 14.30 -11.20 -38.90
N ASP D 173 13.63 -11.56 -37.81
CA ASP D 173 13.58 -12.95 -37.33
C ASP D 173 14.90 -13.62 -36.98
N LEU D 174 15.94 -12.82 -36.73
CA LEU D 174 17.24 -13.34 -36.32
C LEU D 174 17.67 -12.56 -35.06
N TYR D 175 18.39 -13.23 -34.16
CA TYR D 175 18.85 -12.60 -32.92
C TYR D 175 20.35 -12.31 -32.90
N THR D 176 20.74 -11.36 -32.06
CA THR D 176 22.13 -10.97 -31.92
C THR D 176 22.39 -10.64 -30.45
N LEU D 177 23.46 -11.18 -29.89
CA LEU D 177 23.80 -10.80 -28.54
C LEU D 177 25.31 -10.59 -28.43
N SER D 178 25.74 -10.01 -27.31
CA SER D 178 27.14 -9.73 -27.07
C SER D 178 27.51 -10.19 -25.67
N SER D 179 28.77 -10.55 -25.45
CA SER D 179 29.23 -10.95 -24.13
C SER D 179 30.63 -10.34 -23.85
N SER D 180 30.83 -9.74 -22.67
CA SER D 180 32.13 -9.17 -22.31
C SER D 180 32.73 -9.85 -21.08
N VAL D 181 34.06 -9.90 -21.05
CA VAL D 181 34.79 -10.47 -19.93
C VAL D 181 35.96 -9.52 -19.67
N THR D 182 36.31 -9.34 -18.40
CA THR D 182 37.38 -8.45 -18.07
C THR D 182 38.41 -9.22 -17.27
N VAL D 183 39.66 -9.24 -17.72
CA VAL D 183 40.74 -9.94 -17.00
C VAL D 183 42.00 -9.06 -16.85
N PRO D 184 42.92 -9.42 -15.95
CA PRO D 184 44.12 -8.59 -15.82
C PRO D 184 44.90 -8.62 -17.14
N SER D 185 45.50 -7.51 -17.57
CA SER D 185 46.29 -7.50 -18.82
C SER D 185 47.44 -8.51 -18.76
N SER D 186 47.84 -8.87 -17.56
CA SER D 186 48.91 -9.81 -17.35
C SER D 186 48.50 -11.25 -17.70
N THR D 187 47.20 -11.50 -17.81
CA THR D 187 46.72 -12.85 -18.11
C THR D 187 46.42 -13.12 -19.59
N TRP D 188 46.18 -12.07 -20.37
CA TRP D 188 45.90 -12.23 -21.80
C TRP D 188 46.75 -11.20 -22.55
N PRO D 189 47.40 -11.59 -23.68
CA PRO D 189 47.43 -12.91 -24.32
C PRO D 189 48.25 -13.98 -23.62
N SER D 190 49.00 -13.58 -22.59
CA SER D 190 49.83 -14.49 -21.79
C SER D 190 49.18 -15.89 -21.70
N GLU D 191 47.88 -15.90 -21.40
CA GLU D 191 47.10 -17.11 -21.30
C GLU D 191 45.93 -16.94 -22.28
N THR D 192 45.35 -18.07 -22.70
CA THR D 192 44.25 -18.04 -23.66
C THR D 192 42.89 -17.78 -23.00
N VAL D 193 42.11 -16.92 -23.64
CA VAL D 193 40.76 -16.58 -23.21
C VAL D 193 39.87 -17.01 -24.39
N THR D 194 38.98 -17.96 -24.11
CA THR D 194 38.06 -18.53 -25.11
C THR D 194 36.60 -18.43 -24.67
N CYS D 195 35.73 -17.97 -25.57
CA CYS D 195 34.33 -17.95 -25.21
C CYS D 195 33.72 -19.23 -25.76
N ASN D 196 32.87 -19.85 -24.95
CA ASN D 196 32.22 -21.08 -25.32
C ASN D 196 30.74 -20.80 -25.58
N VAL D 197 30.35 -20.87 -26.84
CA VAL D 197 28.96 -20.60 -27.25
C VAL D 197 28.19 -21.89 -27.58
N ALA D 198 26.92 -21.94 -27.20
CA ALA D 198 26.11 -23.11 -27.48
C ALA D 198 24.68 -22.79 -27.89
N HIS D 199 24.24 -23.42 -28.98
CA HIS D 199 22.89 -23.25 -29.49
C HIS D 199 22.27 -24.65 -29.66
N PRO D 200 21.83 -25.27 -28.56
CA PRO D 200 21.22 -26.60 -28.56
C PRO D 200 20.09 -26.80 -29.59
N ALA D 201 19.36 -25.74 -29.92
CA ALA D 201 18.29 -25.80 -30.89
C ALA D 201 18.77 -26.31 -32.26
N SER D 202 20.07 -26.18 -32.54
CA SER D 202 20.64 -26.66 -33.79
C SER D 202 21.87 -27.53 -33.54
N SER D 203 21.91 -28.13 -32.36
CA SER D 203 22.99 -29.03 -31.95
C SER D 203 24.38 -28.47 -32.27
N THR D 204 24.51 -27.15 -32.16
CA THR D 204 25.76 -26.48 -32.46
C THR D 204 26.48 -25.83 -31.28
N LYS D 205 27.78 -26.11 -31.20
CA LYS D 205 28.64 -25.58 -30.18
C LYS D 205 29.86 -24.97 -30.88
N VAL D 206 30.27 -23.78 -30.44
CA VAL D 206 31.41 -23.09 -31.03
C VAL D 206 32.37 -22.52 -29.97
N ASP D 207 33.66 -22.87 -30.08
CA ASP D 207 34.70 -22.38 -29.19
C ASP D 207 35.48 -21.35 -29.99
N LYS D 208 35.52 -20.11 -29.50
CA LYS D 208 36.23 -18.98 -30.16
C LYS D 208 37.29 -18.38 -29.25
N LYS D 209 38.55 -18.58 -29.63
CA LYS D 209 39.68 -18.06 -28.86
C LYS D 209 39.88 -16.58 -29.24
N ILE D 210 40.19 -15.77 -28.23
CA ILE D 210 40.41 -14.34 -28.47
C ILE D 210 41.93 -14.09 -28.61
N VAL D 211 42.32 -13.59 -29.78
CA VAL D 211 43.71 -13.28 -30.11
C VAL D 211 43.84 -11.94 -30.83
N PRO D 212 44.94 -11.19 -30.55
CA PRO D 212 45.21 -9.89 -31.14
C PRO D 212 45.80 -10.02 -32.55
S SO4 E . 7.18 35.39 22.58
O1 SO4 E . 7.18 36.31 21.40
O2 SO4 E . 7.03 33.98 22.08
O3 SO4 E . 8.51 35.49 23.32
O4 SO4 E . 6.07 35.79 23.51
S SO4 F . -3.88 -38.81 -15.27
O1 SO4 F . -4.95 -38.48 -16.26
O2 SO4 F . -3.47 -37.54 -14.53
O3 SO4 F . -4.38 -39.86 -14.28
O4 SO4 F . -2.73 -39.35 -16.06
#